data_5GYD
#
_entry.id   5GYD
#
_cell.length_a   142.592
_cell.length_b   219.073
_cell.length_c   73.097
_cell.angle_alpha   90.00
_cell.angle_beta   90.00
_cell.angle_gamma   90.00
#
_symmetry.space_group_name_H-M   'P 21 21 2'
#
loop_
_entity.id
_entity.type
_entity.pdbx_description
1 polymer 'Mitochondrial distribution and morphology protein 12'
2 non-polymer 1,2-dioleoyl-sn-glycero-3-phosphoethanolamine
#
_entity_poly.entity_id   1
_entity_poly.type   'polypeptide(L)'
_entity_poly.pdbx_seq_one_letter_code
;GMSFDINWSTLESDNRLNDLIRKHLNSYLQNTQLPSYVSNLRVLDFDLGKVGPAITLKEITDPLDEFYDSIREEADQETE
ENNDNKEDSEHICPDRTIANHEGPKDDFEAPVVMPSPNDIQFLLEVEYKGDLLVTIGADLVLNYPVEKFMTLPVKLSISD
IGLHSLCIVACLSKQLFLSFLCDVSDPALDDNQTVLDPKGPILAATKPLERISIVRSMKIETEIGEQYQGQGSVLRSVGE
LEQFLFTIFKDFLRKELAWPSWINLDFNDGDE
;
_entity_poly.pdbx_strand_id   A,B,C,D
#
loop_
_chem_comp.id
_chem_comp.type
_chem_comp.name
_chem_comp.formula
PEE non-polymer 1,2-dioleoyl-sn-glycero-3-phosphoethanolamine 'C41 H78 N O8 P'
#
# COMPACT_ATOMS: atom_id res chain seq x y z
N GLY A 1 20.02 2.98 -22.53
CA GLY A 1 21.02 3.28 -23.54
C GLY A 1 20.58 2.85 -24.93
N MET A 2 20.93 1.62 -25.30
CA MET A 2 20.64 1.11 -26.64
C MET A 2 19.42 0.21 -26.67
N SER A 3 18.63 0.32 -27.74
CA SER A 3 17.43 -0.48 -27.90
C SER A 3 17.66 -1.72 -28.75
N PHE A 4 16.96 -2.81 -28.42
CA PHE A 4 17.07 -4.06 -29.18
C PHE A 4 15.70 -4.64 -29.47
N ASP A 5 15.60 -5.36 -30.59
CA ASP A 5 14.42 -6.15 -30.90
C ASP A 5 14.81 -7.62 -31.03
N ILE A 6 14.32 -8.45 -30.11
CA ILE A 6 14.70 -9.86 -30.06
C ILE A 6 13.59 -10.76 -30.61
N ASN A 7 13.97 -11.76 -31.40
CA ASN A 7 13.01 -12.71 -31.97
C ASN A 7 13.44 -14.16 -31.74
N TRP A 8 12.71 -14.87 -30.89
CA TRP A 8 13.03 -16.27 -30.57
C TRP A 8 12.05 -17.25 -31.21
N SER A 9 11.66 -16.96 -32.46
CA SER A 9 10.60 -17.70 -33.14
C SER A 9 10.92 -19.18 -33.37
N THR A 10 12.13 -19.48 -33.83
CA THR A 10 12.48 -20.85 -34.18
C THR A 10 12.63 -21.72 -32.94
N LEU A 11 12.83 -21.09 -31.79
CA LEU A 11 12.96 -21.81 -30.53
C LEU A 11 11.57 -22.20 -30.00
N GLU A 12 10.53 -22.01 -30.82
CA GLU A 12 9.16 -22.21 -30.34
C GLU A 12 8.13 -22.79 -31.36
N SER A 13 8.58 -23.74 -32.16
CA SER A 13 7.71 -24.42 -33.12
C SER A 13 6.61 -25.26 -32.46
N ASP A 14 6.98 -26.02 -31.42
CA ASP A 14 6.03 -26.90 -30.74
C ASP A 14 5.41 -26.27 -29.50
N ASN A 15 6.21 -25.51 -28.77
CA ASN A 15 5.76 -24.85 -27.56
C ASN A 15 5.94 -23.35 -27.69
N ARG A 16 4.90 -22.58 -27.37
CA ARG A 16 4.98 -21.15 -27.59
C ARG A 16 4.94 -20.58 -26.19
N LEU A 17 5.77 -19.57 -25.94
CA LEU A 17 5.90 -19.04 -24.59
C LEU A 17 4.54 -18.63 -24.06
N ASN A 18 3.82 -17.85 -24.85
CA ASN A 18 2.46 -17.43 -24.50
C ASN A 18 1.56 -18.58 -24.07
N ASP A 19 1.56 -19.64 -24.85
CA ASP A 19 0.72 -20.80 -24.55
C ASP A 19 1.16 -21.51 -23.27
N LEU A 20 2.47 -21.58 -23.05
CA LEU A 20 3.00 -22.17 -21.83
C LEU A 20 2.53 -21.40 -20.60
N ILE A 21 2.70 -20.08 -20.65
CA ILE A 21 2.21 -19.22 -19.57
C ILE A 21 0.71 -19.40 -19.38
N ARG A 22 -0.02 -19.54 -20.49
CA ARG A 22 -1.47 -19.64 -20.40
C ARG A 22 -1.92 -20.92 -19.71
N LYS A 23 -1.34 -22.06 -20.10
CA LYS A 23 -1.68 -23.33 -19.45
C LYS A 23 -1.24 -23.36 -18.00
N HIS A 24 -0.06 -22.80 -17.70
CA HIS A 24 0.40 -22.77 -16.32
C HIS A 24 -0.53 -21.94 -15.44
N LEU A 25 -0.85 -20.73 -15.92
CA LEU A 25 -1.74 -19.83 -15.22
C LEU A 25 -3.13 -20.43 -15.05
N ASN A 26 -3.59 -21.14 -16.08
CA ASN A 26 -4.87 -21.83 -16.03
C ASN A 26 -4.86 -22.89 -14.93
N SER A 27 -3.81 -23.69 -14.89
CA SER A 27 -3.62 -24.69 -13.85
C SER A 27 -3.73 -24.05 -12.47
N TYR A 28 -2.98 -22.97 -12.28
CA TYR A 28 -2.99 -22.23 -11.02
C TYR A 28 -4.40 -21.79 -10.65
N LEU A 29 -5.13 -21.25 -11.62
CA LEU A 29 -6.49 -20.77 -11.38
C LEU A 29 -7.43 -21.91 -10.99
N GLN A 30 -7.37 -23.00 -11.73
CA GLN A 30 -8.27 -24.13 -11.50
C GLN A 30 -7.88 -24.91 -10.24
N ASN A 31 -6.73 -24.59 -9.66
CA ASN A 31 -6.37 -25.15 -8.36
C ASN A 31 -6.59 -24.16 -7.20
N THR A 32 -7.33 -23.08 -7.47
CA THR A 32 -7.64 -22.11 -6.42
C THR A 32 -9.10 -22.23 -5.99
N GLN A 33 -9.33 -22.13 -4.69
CA GLN A 33 -10.69 -22.14 -4.15
C GLN A 33 -11.42 -20.86 -4.55
N LEU A 34 -12.53 -21.01 -5.24
CA LEU A 34 -13.26 -19.86 -5.77
C LEU A 34 -14.37 -19.41 -4.83
N PRO A 35 -14.59 -18.09 -4.75
CA PRO A 35 -15.69 -17.52 -3.96
C PRO A 35 -17.06 -17.95 -4.49
N SER A 36 -18.11 -17.60 -3.77
CA SER A 36 -19.46 -17.99 -4.15
C SER A 36 -19.95 -17.22 -5.38
N TYR A 37 -19.38 -16.04 -5.62
CA TYR A 37 -19.87 -15.20 -6.70
C TYR A 37 -19.26 -15.53 -8.07
N VAL A 38 -18.35 -16.49 -8.12
CA VAL A 38 -17.78 -16.90 -9.40
C VAL A 38 -17.75 -18.43 -9.56
N SER A 39 -18.31 -18.89 -10.67
CA SER A 39 -18.51 -20.30 -10.95
C SER A 39 -17.28 -20.94 -11.59
N ASN A 40 -16.75 -20.30 -12.64
CA ASN A 40 -15.52 -20.78 -13.25
C ASN A 40 -14.55 -19.67 -13.63
N LEU A 41 -13.27 -19.99 -13.59
CA LEU A 41 -12.23 -19.10 -14.06
C LEU A 41 -11.41 -19.82 -15.12
N ARG A 42 -11.05 -19.08 -16.16
CA ARG A 42 -10.24 -19.65 -17.23
C ARG A 42 -9.49 -18.55 -17.96
N VAL A 43 -8.25 -18.83 -18.33
CA VAL A 43 -7.48 -17.88 -19.11
C VAL A 43 -7.87 -18.02 -20.58
N LEU A 44 -8.51 -16.99 -21.11
CA LEU A 44 -8.90 -16.99 -22.51
C LEU A 44 -7.66 -16.81 -23.37
N ASP A 45 -6.85 -15.81 -23.03
CA ASP A 45 -5.62 -15.58 -23.79
C ASP A 45 -4.53 -14.96 -22.92
N PHE A 46 -3.28 -15.30 -23.21
CA PHE A 46 -2.15 -14.63 -22.58
C PHE A 46 -1.26 -14.07 -23.66
N ASP A 47 -0.72 -12.88 -23.44
CA ASP A 47 0.10 -12.22 -24.45
C ASP A 47 1.19 -11.37 -23.84
N LEU A 48 2.44 -11.83 -23.92
CA LEU A 48 3.56 -11.08 -23.36
C LEU A 48 3.80 -9.77 -24.11
N GLY A 49 3.28 -9.69 -25.33
CA GLY A 49 3.34 -8.45 -26.10
C GLY A 49 4.64 -8.28 -26.87
N LYS A 50 4.83 -7.09 -27.42
CA LYS A 50 6.00 -6.80 -28.22
C LYS A 50 6.90 -5.75 -27.56
N VAL A 51 6.43 -5.20 -26.45
CA VAL A 51 7.23 -4.24 -25.69
C VAL A 51 7.74 -4.86 -24.40
N GLY A 52 9.06 -4.93 -24.26
CA GLY A 52 9.67 -5.53 -23.09
C GLY A 52 10.25 -4.51 -22.14
N PRO A 53 11.07 -4.98 -21.19
CA PRO A 53 11.64 -4.13 -20.14
C PRO A 53 12.86 -3.35 -20.58
N ALA A 54 13.13 -2.25 -19.88
CA ALA A 54 14.42 -1.59 -19.96
C ALA A 54 15.33 -2.27 -18.94
N ILE A 55 16.44 -2.81 -19.44
CA ILE A 55 17.34 -3.59 -18.61
C ILE A 55 18.68 -2.89 -18.38
N THR A 56 19.01 -2.67 -17.11
CA THR A 56 20.31 -2.14 -16.74
C THR A 56 21.11 -3.17 -15.98
N LEU A 57 22.29 -3.52 -16.48
CA LEU A 57 23.16 -4.41 -15.72
C LEU A 57 23.72 -3.65 -14.52
N LYS A 58 23.54 -4.21 -13.33
CA LYS A 58 23.96 -3.58 -12.09
C LYS A 58 25.28 -4.14 -11.59
N GLU A 59 25.36 -5.47 -11.51
CA GLU A 59 26.56 -6.14 -11.05
C GLU A 59 26.74 -7.51 -11.71
N ILE A 60 27.96 -8.02 -11.66
CA ILE A 60 28.25 -9.36 -12.16
C ILE A 60 28.99 -10.12 -11.05
N THR A 61 28.53 -11.32 -10.76
CA THR A 61 29.01 -12.08 -9.60
C THR A 61 28.97 -13.58 -9.79
N ASP A 62 29.53 -14.30 -8.83
CA ASP A 62 29.28 -15.72 -8.69
C ASP A 62 27.81 -15.89 -8.35
N PRO A 63 27.22 -17.03 -8.75
CA PRO A 63 25.84 -17.31 -8.36
C PRO A 63 25.69 -17.42 -6.85
N LEU A 64 24.50 -17.13 -6.34
CA LEU A 64 24.22 -17.32 -4.92
C LEU A 64 24.43 -18.79 -4.57
N ASP A 65 24.87 -19.04 -3.34
CA ASP A 65 25.14 -20.40 -2.90
C ASP A 65 23.86 -21.21 -2.75
N GLU A 66 22.74 -20.51 -2.56
CA GLU A 66 21.45 -21.17 -2.39
C GLU A 66 21.06 -21.98 -3.63
N PHE A 67 21.52 -21.54 -4.79
CA PHE A 67 21.30 -22.29 -6.03
C PHE A 67 22.04 -23.63 -5.98
N TYR A 68 23.34 -23.55 -5.70
CA TYR A 68 24.17 -24.74 -5.53
C TYR A 68 23.55 -25.70 -4.52
N ASP A 69 23.11 -25.15 -3.40
CA ASP A 69 22.45 -25.92 -2.35
C ASP A 69 21.20 -26.61 -2.88
N SER A 70 20.44 -25.89 -3.70
CA SER A 70 19.25 -26.45 -4.31
C SER A 70 19.59 -27.63 -5.21
N ILE A 71 20.70 -27.52 -5.93
CA ILE A 71 21.09 -28.58 -6.87
C ILE A 71 21.61 -29.81 -6.14
N ARG A 72 22.34 -29.57 -5.06
CA ARG A 72 22.80 -30.63 -4.17
C ARG A 72 21.67 -31.60 -3.80
N GLU A 73 20.45 -31.09 -3.69
CA GLU A 73 19.34 -31.91 -3.21
C GLU A 73 18.74 -32.78 -4.34
N GLU A 74 18.19 -32.10 -5.34
CA GLU A 74 17.56 -32.73 -6.51
C GLU A 74 17.93 -31.98 -7.80
N SER A 116 31.70 -24.68 -10.18
CA SER A 116 32.36 -24.47 -11.45
C SER A 116 32.55 -22.99 -11.60
N PRO A 117 33.79 -22.58 -11.86
CA PRO A 117 34.11 -21.16 -11.98
C PRO A 117 33.32 -20.60 -13.15
N ASN A 118 33.19 -21.40 -14.20
CA ASN A 118 32.60 -20.93 -15.43
C ASN A 118 31.21 -20.37 -15.16
N ASP A 119 30.45 -21.00 -14.25
CA ASP A 119 29.15 -20.43 -13.92
C ASP A 119 29.19 -18.91 -13.69
N ILE A 120 28.04 -18.25 -13.76
CA ILE A 120 28.01 -16.79 -13.72
C ILE A 120 26.63 -16.27 -13.33
N GLN A 121 26.54 -15.09 -12.72
CA GLN A 121 25.23 -14.54 -12.35
C GLN A 121 25.15 -13.04 -12.59
N PHE A 122 24.11 -12.62 -13.31
CA PHE A 122 23.87 -11.20 -13.57
C PHE A 122 22.87 -10.63 -12.57
N LEU A 123 23.22 -9.48 -11.99
CA LEU A 123 22.26 -8.70 -11.20
C LEU A 123 21.69 -7.60 -12.08
N LEU A 124 20.38 -7.59 -12.26
CA LEU A 124 19.76 -6.66 -13.19
C LEU A 124 18.73 -5.73 -12.54
N GLU A 125 18.79 -4.46 -12.92
CA GLU A 125 17.69 -3.55 -12.68
C GLU A 125 16.76 -3.63 -13.87
N VAL A 126 15.50 -3.98 -13.61
CA VAL A 126 14.52 -4.20 -14.67
C VAL A 126 13.33 -3.26 -14.52
N GLU A 127 13.09 -2.45 -15.55
CA GLU A 127 11.99 -1.51 -15.52
C GLU A 127 10.96 -1.81 -16.62
N TYR A 128 9.76 -2.24 -16.21
CA TYR A 128 8.75 -2.66 -17.16
C TYR A 128 7.51 -1.76 -17.17
N LYS A 129 7.20 -1.26 -18.36
CA LYS A 129 5.93 -0.64 -18.67
C LYS A 129 5.62 -1.13 -20.08
N GLY A 130 5.48 -2.46 -20.19
CA GLY A 130 5.26 -3.10 -21.46
C GLY A 130 3.79 -3.37 -21.71
N ASP A 131 3.52 -4.10 -22.79
CA ASP A 131 2.16 -4.32 -23.25
C ASP A 131 1.66 -5.73 -22.96
N LEU A 132 2.02 -6.26 -21.80
CA LEU A 132 1.51 -7.57 -21.39
C LEU A 132 -0.01 -7.49 -21.24
N LEU A 133 -0.69 -8.56 -21.64
CA LEU A 133 -2.14 -8.60 -21.57
C LEU A 133 -2.66 -9.99 -21.26
N VAL A 134 -3.41 -10.11 -20.17
CA VAL A 134 -4.09 -11.35 -19.82
C VAL A 134 -5.59 -11.16 -19.97
N THR A 135 -6.22 -12.02 -20.76
CA THR A 135 -7.67 -12.00 -20.92
C THR A 135 -8.27 -13.25 -20.28
N ILE A 136 -9.11 -13.02 -19.27
CA ILE A 136 -9.65 -14.08 -18.43
C ILE A 136 -11.17 -14.17 -18.53
N GLY A 137 -11.68 -15.38 -18.71
CA GLY A 137 -13.12 -15.61 -18.77
C GLY A 137 -13.67 -16.06 -17.43
N ALA A 138 -14.80 -15.49 -17.05
CA ALA A 138 -15.40 -15.81 -15.75
C ALA A 138 -16.91 -15.93 -15.84
N ASP A 139 -17.48 -16.83 -15.02
CA ASP A 139 -18.92 -16.93 -14.87
C ASP A 139 -19.34 -16.28 -13.56
N LEU A 140 -19.87 -15.07 -13.62
CA LEU A 140 -20.29 -14.37 -12.41
C LEU A 140 -21.60 -14.95 -11.90
N VAL A 141 -21.67 -15.26 -10.61
CA VAL A 141 -22.86 -15.87 -10.05
C VAL A 141 -23.68 -14.91 -9.21
N LEU A 142 -24.90 -14.63 -9.66
CA LEU A 142 -25.84 -13.79 -8.93
C LEU A 142 -26.69 -14.62 -7.99
N ASN A 143 -26.59 -14.31 -6.70
CA ASN A 143 -27.34 -14.98 -5.64
C ASN A 143 -28.35 -14.07 -4.93
N TYR A 144 -28.73 -12.96 -5.55
CA TYR A 144 -29.52 -11.94 -4.87
C TYR A 144 -30.87 -12.47 -4.41
N PRO A 145 -31.53 -13.26 -5.25
CA PRO A 145 -32.72 -14.01 -4.83
C PRO A 145 -32.36 -15.48 -4.94
N VAL A 146 -32.51 -16.23 -3.86
CA VAL A 146 -32.11 -17.63 -3.90
C VAL A 146 -30.59 -17.76 -3.90
N GLU A 147 -30.10 -18.99 -4.11
CA GLU A 147 -28.67 -19.25 -4.21
C GLU A 147 -28.37 -19.73 -5.62
N LYS A 148 -27.35 -19.14 -6.25
CA LYS A 148 -27.14 -19.38 -7.68
C LYS A 148 -28.36 -19.02 -8.54
N PHE A 149 -28.87 -17.81 -8.38
CA PHE A 149 -30.03 -17.37 -9.14
C PHE A 149 -29.69 -17.29 -10.61
N MET A 150 -28.53 -16.71 -10.93
CA MET A 150 -28.20 -16.48 -12.34
C MET A 150 -26.70 -16.55 -12.58
N THR A 151 -26.29 -16.78 -13.83
CA THR A 151 -24.88 -16.69 -14.19
C THR A 151 -24.68 -15.79 -15.39
N LEU A 152 -23.78 -14.83 -15.24
CA LEU A 152 -23.43 -13.93 -16.34
C LEU A 152 -22.05 -14.27 -16.87
N PRO A 153 -21.96 -14.61 -18.15
CA PRO A 153 -20.63 -14.69 -18.76
C PRO A 153 -20.00 -13.31 -18.75
N VAL A 154 -18.73 -13.26 -18.39
CA VAL A 154 -18.05 -12.00 -18.13
C VAL A 154 -16.61 -12.16 -18.58
N LYS A 155 -15.97 -11.12 -19.11
CA LYS A 155 -14.52 -11.32 -19.18
C LYS A 155 -13.69 -10.09 -18.86
N LEU A 156 -12.61 -10.39 -18.15
CA LEU A 156 -11.75 -9.40 -17.53
C LEU A 156 -10.43 -9.28 -18.26
N SER A 157 -9.87 -8.09 -18.24
CA SER A 157 -8.59 -7.82 -18.88
C SER A 157 -7.62 -7.24 -17.87
N ILE A 158 -6.57 -8.01 -17.60
CA ILE A 158 -5.43 -7.55 -16.81
C ILE A 158 -4.38 -6.98 -17.76
N SER A 159 -4.01 -5.73 -17.56
CA SER A 159 -3.12 -5.03 -18.48
C SER A 159 -2.32 -3.95 -17.77
N ASP A 160 -1.54 -3.21 -18.56
CA ASP A 160 -0.77 -2.06 -18.08
C ASP A 160 0.00 -2.34 -16.79
N ILE A 161 0.78 -3.41 -16.80
CA ILE A 161 1.56 -3.78 -15.62
C ILE A 161 2.79 -2.89 -15.46
N GLY A 162 2.89 -2.24 -14.31
CA GLY A 162 4.05 -1.43 -13.98
C GLY A 162 4.99 -2.17 -13.05
N LEU A 163 6.29 -2.08 -13.34
CA LEU A 163 7.29 -2.81 -12.57
C LEU A 163 8.60 -2.06 -12.60
N HIS A 164 9.35 -2.11 -11.51
CA HIS A 164 10.69 -1.54 -11.46
C HIS A 164 11.44 -2.19 -10.31
N SER A 165 12.19 -3.24 -10.63
CA SER A 165 12.75 -4.07 -9.58
C SER A 165 14.07 -4.74 -9.95
N LEU A 166 14.81 -5.12 -8.91
CA LEU A 166 16.04 -5.88 -9.03
C LEU A 166 15.75 -7.37 -9.11
N CYS A 167 16.28 -7.97 -10.18
CA CYS A 167 16.21 -9.41 -10.44
C CYS A 167 17.63 -9.97 -10.57
N ILE A 168 17.73 -11.30 -10.62
CA ILE A 168 19.00 -11.96 -10.92
C ILE A 168 18.80 -13.06 -11.94
N VAL A 169 19.79 -13.25 -12.80
CA VAL A 169 19.77 -14.33 -13.78
C VAL A 169 21.04 -15.16 -13.66
N ALA A 170 20.90 -16.42 -13.25
CA ALA A 170 22.07 -17.23 -12.91
C ALA A 170 22.27 -18.45 -13.80
N CYS A 171 23.48 -18.54 -14.36
CA CYS A 171 23.96 -19.70 -15.11
C CYS A 171 24.73 -20.64 -14.20
N LEU A 172 24.21 -21.86 -14.04
CA LEU A 172 24.87 -22.93 -13.29
C LEU A 172 24.71 -24.32 -13.92
N SER A 173 25.75 -24.76 -14.62
CA SER A 173 25.97 -26.20 -14.88
C SER A 173 24.90 -27.15 -15.46
N LYS A 174 24.17 -26.77 -16.52
CA LYS A 174 23.86 -25.39 -16.84
C LYS A 174 22.36 -25.25 -16.89
N GLN A 175 21.78 -25.42 -15.71
CA GLN A 175 20.41 -25.06 -15.44
C GLN A 175 20.38 -23.55 -15.29
N LEU A 176 19.27 -22.94 -15.69
CA LEU A 176 19.16 -21.49 -15.69
C LEU A 176 18.18 -21.02 -14.61
N PHE A 177 18.61 -20.04 -13.82
CA PHE A 177 17.79 -19.51 -12.74
C PHE A 177 17.38 -18.07 -13.01
N LEU A 178 16.09 -17.76 -12.87
CA LEU A 178 15.67 -16.36 -12.95
C LEU A 178 14.76 -16.03 -11.76
N SER A 179 15.06 -14.94 -11.07
CA SER A 179 14.26 -14.57 -9.91
C SER A 179 14.22 -13.06 -9.67
N PHE A 180 13.02 -12.54 -9.46
CA PHE A 180 12.83 -11.15 -9.06
C PHE A 180 13.12 -11.00 -7.57
N LEU A 181 14.17 -10.26 -7.23
CA LEU A 181 14.55 -10.09 -5.85
C LEU A 181 13.62 -9.14 -5.12
N CYS A 182 13.60 -7.88 -5.55
CA CYS A 182 12.82 -6.89 -4.81
C CYS A 182 12.60 -5.62 -5.60
N ASP A 183 11.67 -4.77 -5.18
CA ASP A 183 11.46 -3.50 -5.86
C ASP A 183 12.64 -2.57 -5.63
N VAL A 184 12.90 -1.70 -6.60
CA VAL A 184 14.04 -0.78 -6.57
C VAL A 184 14.05 0.10 -5.31
N SER A 185 12.87 0.54 -4.88
CA SER A 185 12.78 1.47 -3.77
C SER A 185 12.39 0.80 -2.45
N ASP A 186 12.76 -0.47 -2.30
CA ASP A 186 12.53 -1.18 -1.04
C ASP A 186 13.42 -0.62 0.06
N PRO A 187 12.84 -0.32 1.23
CA PRO A 187 13.53 0.26 2.40
C PRO A 187 14.77 -0.53 2.82
N ALA A 188 14.77 -1.83 2.57
CA ALA A 188 15.89 -2.69 2.95
C ALA A 188 17.12 -2.42 2.10
N LEU A 189 17.04 -1.39 1.26
CA LEU A 189 18.18 -0.97 0.45
C LEU A 189 18.66 0.41 0.90
N ASP A 190 17.94 1.05 1.81
CA ASP A 190 18.40 2.33 2.34
C ASP A 190 19.75 2.09 3.01
N ASP A 191 20.65 3.05 2.86
CA ASP A 191 22.03 2.91 3.33
C ASP A 191 22.95 2.32 2.25
N ASN A 192 22.39 2.01 1.09
CA ASN A 192 23.16 1.64 -0.09
C ASN A 192 24.12 0.46 0.04
N GLN A 193 23.70 -0.60 0.73
CA GLN A 193 24.51 -1.81 0.85
C GLN A 193 23.82 -2.98 0.16
N THR A 194 24.65 -3.86 -0.39
CA THR A 194 24.24 -4.81 -1.43
C THR A 194 23.07 -5.73 -1.10
N VAL A 195 22.29 -6.00 -2.14
CA VAL A 195 21.17 -6.94 -2.08
C VAL A 195 21.68 -8.37 -1.99
N LEU A 196 22.83 -8.61 -2.63
CA LEU A 196 23.40 -9.94 -2.73
C LEU A 196 23.94 -10.46 -1.39
N ASP A 197 23.74 -9.68 -0.34
CA ASP A 197 24.06 -10.12 1.02
C ASP A 197 23.01 -11.14 1.45
N PRO A 198 23.43 -12.41 1.65
CA PRO A 198 22.49 -13.47 2.01
C PRO A 198 21.95 -13.32 3.43
N LYS A 199 22.70 -12.64 4.30
CA LYS A 199 22.26 -12.43 5.67
C LYS A 199 21.41 -11.16 5.77
N GLY A 200 21.38 -10.39 4.68
CA GLY A 200 20.54 -9.21 4.60
C GLY A 200 19.07 -9.60 4.51
N PRO A 201 18.18 -8.61 4.62
CA PRO A 201 16.73 -8.83 4.71
C PRO A 201 16.12 -9.43 3.45
N ILE A 202 16.42 -8.84 2.30
CA ILE A 202 15.84 -9.25 1.03
C ILE A 202 16.08 -10.74 0.72
N LEU A 203 17.35 -11.12 0.78
CA LEU A 203 17.75 -12.48 0.42
C LEU A 203 17.38 -13.51 1.48
N ALA A 204 17.40 -13.11 2.75
CA ALA A 204 17.04 -14.02 3.83
C ALA A 204 15.54 -14.34 3.80
N ALA A 205 14.76 -13.39 3.30
CA ALA A 205 13.33 -13.57 3.10
C ALA A 205 12.59 -13.98 4.37
N THR A 206 12.98 -13.39 5.50
CA THR A 206 12.35 -13.72 6.77
C THR A 206 11.12 -12.87 7.04
N LYS A 207 11.04 -11.71 6.39
CA LYS A 207 9.92 -10.80 6.59
C LYS A 207 9.26 -10.38 5.27
N PRO A 208 8.53 -11.31 4.62
CA PRO A 208 7.88 -11.06 3.33
C PRO A 208 6.86 -9.93 3.41
N LEU A 209 6.32 -9.73 4.61
CA LEU A 209 5.28 -8.74 4.85
C LEU A 209 5.83 -7.31 4.73
N GLU A 210 7.09 -7.14 5.11
CA GLU A 210 7.71 -5.83 5.13
C GLU A 210 8.32 -5.47 3.77
N ARG A 211 8.23 -6.38 2.82
CA ARG A 211 8.67 -6.12 1.46
C ARG A 211 7.63 -5.30 0.72
N ILE A 212 8.07 -4.32 -0.05
CA ILE A 212 7.12 -3.58 -0.89
C ILE A 212 6.92 -4.39 -2.17
N SER A 213 5.70 -4.34 -2.69
CA SER A 213 5.29 -5.23 -3.78
C SER A 213 6.09 -4.99 -5.06
N ILE A 214 6.50 -6.08 -5.69
CA ILE A 214 7.27 -6.03 -6.93
C ILE A 214 6.44 -5.43 -8.06
N VAL A 215 5.17 -5.83 -8.15
CA VAL A 215 4.24 -5.23 -9.09
C VAL A 215 3.75 -3.88 -8.57
N ARG A 216 4.17 -2.81 -9.24
CA ARG A 216 3.84 -1.46 -8.78
C ARG A 216 2.42 -1.06 -9.14
N SER A 217 2.02 -1.32 -10.38
CA SER A 217 0.67 -1.01 -10.82
C SER A 217 0.12 -2.09 -11.74
N MET A 218 -1.18 -2.01 -11.99
CA MET A 218 -1.88 -3.02 -12.77
C MET A 218 -3.29 -2.53 -13.03
N LYS A 219 -3.79 -2.77 -14.24
CA LYS A 219 -5.13 -2.32 -14.61
C LYS A 219 -6.04 -3.51 -14.89
N ILE A 220 -7.22 -3.50 -14.28
CA ILE A 220 -8.21 -4.54 -14.55
C ILE A 220 -9.50 -3.93 -15.05
N GLU A 221 -9.93 -4.37 -16.23
CA GLU A 221 -11.25 -3.99 -16.71
C GLU A 221 -12.11 -5.23 -16.80
N THR A 222 -13.42 -5.03 -16.82
CA THR A 222 -14.35 -6.14 -17.00
C THR A 222 -15.37 -5.70 -18.00
N GLU A 223 -15.69 -6.53 -18.98
CA GLU A 223 -16.91 -6.19 -19.67
C GLU A 223 -17.94 -7.29 -19.53
N ILE A 224 -19.15 -6.75 -19.36
CA ILE A 224 -20.38 -7.40 -18.96
C ILE A 224 -21.44 -6.99 -19.97
N GLY A 225 -22.59 -7.66 -19.94
CA GLY A 225 -23.68 -7.28 -20.82
C GLY A 225 -24.19 -5.88 -20.50
N GLU A 226 -24.55 -5.14 -21.55
CA GLU A 226 -25.15 -3.80 -21.42
C GLU A 226 -26.31 -3.82 -20.43
N GLN A 227 -27.04 -4.93 -20.45
CA GLN A 227 -28.16 -5.20 -19.57
C GLN A 227 -27.81 -5.17 -18.08
N TYR A 228 -26.54 -5.30 -17.73
CA TYR A 228 -26.20 -5.43 -16.31
C TYR A 228 -25.49 -4.21 -15.77
N GLN A 229 -25.21 -3.24 -16.63
CA GLN A 229 -24.47 -2.05 -16.24
C GLN A 229 -25.25 -1.12 -15.32
N GLY A 230 -26.56 -1.36 -15.23
CA GLY A 230 -27.42 -0.57 -14.36
C GLY A 230 -27.49 -1.10 -12.94
N GLN A 231 -27.60 -2.42 -12.81
CA GLN A 231 -27.75 -3.04 -11.50
C GLN A 231 -26.51 -2.90 -10.62
N GLY A 232 -26.73 -2.41 -9.40
CA GLY A 232 -25.65 -2.19 -8.45
C GLY A 232 -25.16 -3.46 -7.79
N SER A 233 -26.06 -4.43 -7.63
CA SER A 233 -25.67 -5.73 -7.07
C SER A 233 -24.64 -6.40 -7.97
N VAL A 234 -24.97 -6.43 -9.27
CA VAL A 234 -24.07 -6.96 -10.27
C VAL A 234 -22.74 -6.22 -10.28
N LEU A 235 -22.80 -4.89 -10.32
CA LEU A 235 -21.59 -4.08 -10.34
C LEU A 235 -20.70 -4.35 -9.13
N ARG A 236 -21.32 -4.53 -7.97
CA ARG A 236 -20.59 -4.85 -6.75
C ARG A 236 -19.91 -6.21 -6.86
N SER A 237 -20.65 -7.19 -7.37
CA SER A 237 -20.10 -8.52 -7.58
C SER A 237 -18.89 -8.47 -8.53
N VAL A 238 -19.03 -7.70 -9.61
CA VAL A 238 -17.94 -7.50 -10.57
C VAL A 238 -16.73 -6.87 -9.89
N GLY A 239 -16.98 -5.90 -9.02
CA GLY A 239 -15.90 -5.27 -8.28
C GLY A 239 -15.15 -6.27 -7.43
N GLU A 240 -15.90 -7.07 -6.67
CA GLU A 240 -15.30 -8.10 -5.83
C GLU A 240 -14.48 -9.09 -6.66
N LEU A 241 -15.00 -9.46 -7.82
CA LEU A 241 -14.28 -10.38 -8.72
C LEU A 241 -12.99 -9.75 -9.24
N GLU A 242 -13.05 -8.46 -9.57
CA GLU A 242 -11.87 -7.74 -10.04
C GLU A 242 -10.78 -7.74 -8.98
N GLN A 243 -11.17 -7.42 -7.75
CA GLN A 243 -10.23 -7.39 -6.64
C GLN A 243 -9.62 -8.78 -6.40
N PHE A 244 -10.49 -9.78 -6.38
CA PHE A 244 -10.08 -11.17 -6.19
C PHE A 244 -9.05 -11.58 -7.24
N LEU A 245 -9.34 -11.25 -8.50
CA LEU A 245 -8.46 -11.58 -9.61
C LEU A 245 -7.12 -10.86 -9.50
N PHE A 246 -7.16 -9.61 -9.08
CA PHE A 246 -5.97 -8.81 -8.81
C PHE A 246 -5.05 -9.55 -7.83
N THR A 247 -5.61 -9.86 -6.67
CA THR A 247 -4.85 -10.54 -5.62
C THR A 247 -4.34 -11.90 -6.06
N ILE A 248 -5.17 -12.65 -6.78
CA ILE A 248 -4.81 -13.96 -7.28
C ILE A 248 -3.62 -13.89 -8.25
N PHE A 249 -3.67 -12.96 -9.19
CA PHE A 249 -2.61 -12.80 -10.17
C PHE A 249 -1.30 -12.41 -9.48
N LYS A 250 -1.38 -11.43 -8.57
CA LYS A 250 -0.18 -11.02 -7.84
C LYS A 250 0.41 -12.18 -7.03
N ASP A 251 -0.46 -12.99 -6.43
CA ASP A 251 -0.02 -14.17 -5.70
C ASP A 251 0.75 -15.12 -6.62
N PHE A 252 0.14 -15.45 -7.76
CA PHE A 252 0.77 -16.28 -8.78
C PHE A 252 2.17 -15.79 -9.13
N LEU A 253 2.26 -14.50 -9.45
CA LEU A 253 3.56 -13.89 -9.78
C LEU A 253 4.55 -14.04 -8.63
N ARG A 254 4.09 -13.82 -7.40
CA ARG A 254 4.97 -13.86 -6.24
C ARG A 254 5.54 -15.24 -5.98
N LYS A 255 4.73 -16.28 -6.14
CA LYS A 255 5.23 -17.63 -5.89
C LYS A 255 5.79 -18.32 -7.13
N GLU A 256 5.78 -17.64 -8.26
CA GLU A 256 6.45 -18.19 -9.44
C GLU A 256 7.78 -17.50 -9.75
N LEU A 257 7.87 -16.20 -9.44
CA LEU A 257 9.02 -15.41 -9.87
C LEU A 257 9.72 -14.62 -8.78
N ALA A 258 9.03 -14.34 -7.67
CA ALA A 258 9.62 -13.50 -6.62
C ALA A 258 10.44 -14.33 -5.63
N TRP A 259 11.65 -13.87 -5.36
CA TRP A 259 12.52 -14.50 -4.37
C TRP A 259 11.76 -14.63 -3.05
N PRO A 260 11.90 -15.77 -2.36
CA PRO A 260 12.80 -16.90 -2.63
C PRO A 260 12.34 -17.89 -3.70
N SER A 261 11.21 -17.64 -4.35
CA SER A 261 10.81 -18.47 -5.48
C SER A 261 11.65 -18.10 -6.70
N TRP A 262 11.71 -18.98 -7.68
CA TRP A 262 12.40 -18.67 -8.93
C TRP A 262 11.94 -19.55 -10.07
N ILE A 263 12.30 -19.16 -11.29
CA ILE A 263 12.06 -19.97 -12.47
C ILE A 263 13.33 -20.76 -12.80
N ASN A 264 13.18 -22.08 -12.73
CA ASN A 264 14.25 -23.03 -13.00
C ASN A 264 14.09 -23.65 -14.37
N LEU A 265 15.14 -23.60 -15.18
CA LEU A 265 15.15 -24.26 -16.47
C LEU A 265 16.24 -25.33 -16.51
N ASP A 266 15.84 -26.59 -16.56
CA ASP A 266 16.80 -27.68 -16.74
C ASP A 266 16.91 -28.02 -18.22
N PHE A 267 18.14 -28.14 -18.72
CA PHE A 267 18.39 -28.38 -20.15
C PHE A 267 19.16 -29.65 -20.48
N ASN A 268 18.66 -30.80 -20.02
CA ASN A 268 19.23 -32.09 -20.40
C ASN A 268 18.16 -33.01 -20.96
N GLY B 1 10.10 -9.53 -32.61
CA GLY B 1 9.13 -9.86 -31.59
C GLY B 1 9.05 -8.81 -30.48
N MET B 2 9.82 -9.03 -29.42
CA MET B 2 9.79 -8.16 -28.26
C MET B 2 10.96 -7.17 -28.25
N SER B 3 10.68 -5.93 -27.84
CA SER B 3 11.70 -4.89 -27.80
C SER B 3 12.31 -4.77 -26.41
N PHE B 4 13.60 -4.44 -26.37
CA PHE B 4 14.31 -4.20 -25.11
C PHE B 4 15.12 -2.92 -25.19
N ASP B 5 15.43 -2.34 -24.05
CA ASP B 5 16.39 -1.24 -23.97
C ASP B 5 17.48 -1.60 -22.97
N ILE B 6 18.71 -1.75 -23.47
CA ILE B 6 19.80 -2.24 -22.64
C ILE B 6 20.75 -1.13 -22.23
N ASN B 7 21.15 -1.14 -20.96
CA ASN B 7 22.05 -0.13 -20.43
C ASN B 7 23.19 -0.77 -19.63
N TRP B 8 24.41 -0.69 -20.16
CA TRP B 8 25.59 -1.28 -19.54
C TRP B 8 26.46 -0.25 -18.84
N SER B 9 25.83 0.72 -18.20
CA SER B 9 26.53 1.95 -17.76
C SER B 9 27.70 1.77 -16.77
N THR B 10 27.51 0.94 -15.75
CA THR B 10 28.45 0.82 -14.62
C THR B 10 29.54 -0.24 -14.87
N LEU B 11 29.35 -1.14 -15.83
CA LEU B 11 30.38 -2.16 -16.12
C LEU B 11 31.68 -1.46 -16.52
N GLU B 12 31.58 -0.29 -17.16
CA GLU B 12 32.78 0.47 -17.48
C GLU B 12 32.70 1.96 -17.09
N SER B 13 33.03 2.26 -15.84
CA SER B 13 33.00 3.63 -15.30
C SER B 13 34.36 4.32 -15.27
N ASP B 14 35.43 3.59 -15.59
CA ASP B 14 36.74 4.20 -15.75
C ASP B 14 36.89 4.57 -17.22
N ASN B 15 36.92 3.50 -17.99
CA ASN B 15 36.97 3.41 -19.44
C ASN B 15 35.57 3.37 -20.03
N ARG B 16 35.32 4.09 -21.12
CA ARG B 16 33.99 4.07 -21.72
C ARG B 16 34.01 3.26 -23.00
N LEU B 17 32.87 2.67 -23.36
CA LEU B 17 32.80 1.81 -24.54
C LEU B 17 33.14 2.60 -25.80
N ASN B 18 32.45 3.72 -25.99
CA ASN B 18 32.71 4.56 -27.15
C ASN B 18 34.15 5.04 -27.22
N ASP B 19 34.73 5.36 -26.07
CA ASP B 19 36.12 5.80 -26.03
C ASP B 19 37.07 4.66 -26.40
N LEU B 20 36.82 3.47 -25.85
CA LEU B 20 37.62 2.29 -26.18
C LEU B 20 37.64 2.05 -27.68
N ILE B 21 36.45 2.02 -28.28
CA ILE B 21 36.36 1.85 -29.72
C ILE B 21 37.08 2.99 -30.45
N ARG B 22 36.98 4.20 -29.88
CA ARG B 22 37.60 5.36 -30.51
C ARG B 22 39.11 5.23 -30.60
N LYS B 23 39.79 4.91 -29.49
CA LYS B 23 41.25 4.82 -29.60
C LYS B 23 41.69 3.51 -30.25
N HIS B 24 40.84 2.49 -30.26
CA HIS B 24 41.18 1.29 -31.04
C HIS B 24 41.24 1.66 -32.52
N LEU B 25 40.17 2.29 -33.00
CA LEU B 25 40.09 2.70 -34.39
C LEU B 25 41.18 3.73 -34.71
N ASN B 26 41.47 4.59 -33.73
CA ASN B 26 42.53 5.57 -33.87
C ASN B 26 43.88 4.90 -34.08
N SER B 27 44.17 3.89 -33.27
CA SER B 27 45.38 3.09 -33.43
C SER B 27 45.45 2.52 -34.84
N TYR B 28 44.34 1.92 -35.27
CA TYR B 28 44.26 1.39 -36.63
C TYR B 28 44.65 2.43 -37.67
N LEU B 29 44.04 3.62 -37.56
CA LEU B 29 44.29 4.70 -38.50
C LEU B 29 45.75 5.15 -38.49
N GLN B 30 46.31 5.32 -37.30
CA GLN B 30 47.68 5.80 -37.18
C GLN B 30 48.69 4.76 -37.63
N ASN B 31 48.27 3.51 -37.75
CA ASN B 31 49.14 2.51 -38.37
C ASN B 31 48.72 2.16 -39.79
N THR B 32 47.99 3.08 -40.42
CA THR B 32 47.67 2.99 -41.85
C THR B 32 48.54 3.97 -42.62
N GLN B 33 49.16 3.56 -43.71
CA GLN B 33 49.96 4.51 -44.47
C GLN B 33 49.04 5.35 -45.36
N LEU B 34 49.20 6.67 -45.22
CA LEU B 34 48.27 7.62 -45.84
C LEU B 34 48.77 8.09 -47.20
N PRO B 35 47.84 8.48 -48.08
CA PRO B 35 48.19 9.09 -49.36
C PRO B 35 48.98 10.39 -49.17
N SER B 36 49.49 10.94 -50.26
CA SER B 36 50.26 12.17 -50.19
C SER B 36 49.37 13.37 -49.87
N TYR B 37 48.09 13.29 -50.22
CA TYR B 37 47.19 14.44 -50.11
C TYR B 37 46.60 14.62 -48.72
N VAL B 38 46.90 13.71 -47.80
CA VAL B 38 46.40 13.85 -46.43
C VAL B 38 47.52 13.68 -45.40
N SER B 39 47.63 14.67 -44.52
CA SER B 39 48.72 14.73 -43.55
C SER B 39 48.35 14.03 -42.25
N ASN B 40 47.11 14.22 -41.81
CA ASN B 40 46.65 13.66 -40.55
C ASN B 40 45.29 13.00 -40.65
N LEU B 41 45.16 11.83 -40.04
CA LEU B 41 43.86 11.21 -39.80
C LEU B 41 43.71 10.96 -38.31
N ARG B 42 42.53 11.25 -37.77
CA ARG B 42 42.26 11.02 -36.37
C ARG B 42 40.78 10.89 -36.12
N VAL B 43 40.40 10.01 -35.21
CA VAL B 43 39.01 9.87 -34.83
C VAL B 43 38.65 10.95 -33.82
N LEU B 44 37.78 11.86 -34.24
CA LEU B 44 37.35 12.93 -33.36
C LEU B 44 36.33 12.40 -32.36
N ASP B 45 35.37 11.62 -32.85
CA ASP B 45 34.41 11.01 -31.93
C ASP B 45 33.84 9.71 -32.48
N PHE B 46 33.53 8.79 -31.58
CA PHE B 46 32.84 7.56 -31.94
C PHE B 46 31.58 7.43 -31.10
N ASP B 47 30.49 7.01 -31.71
CA ASP B 47 29.23 6.90 -30.99
C ASP B 47 28.39 5.73 -31.50
N LEU B 48 28.31 4.67 -30.70
CA LEU B 48 27.56 3.48 -31.08
C LEU B 48 26.07 3.78 -31.19
N GLY B 49 25.64 4.87 -30.56
CA GLY B 49 24.26 5.31 -30.67
C GLY B 49 23.34 4.68 -29.66
N LYS B 50 22.04 4.92 -29.83
CA LYS B 50 21.03 4.38 -28.92
C LYS B 50 20.11 3.40 -29.65
N VAL B 51 20.28 3.30 -30.96
CA VAL B 51 19.50 2.36 -31.76
C VAL B 51 20.35 1.14 -32.12
N GLY B 52 19.94 -0.03 -31.64
CA GLY B 52 20.68 -1.25 -31.88
C GLY B 52 20.08 -2.09 -32.98
N PRO B 53 20.57 -3.32 -33.12
CA PRO B 53 20.13 -4.24 -34.17
C PRO B 53 18.85 -4.97 -33.85
N ALA B 54 18.18 -5.46 -34.88
CA ALA B 54 17.11 -6.44 -34.72
C ALA B 54 17.76 -7.82 -34.73
N ILE B 55 17.56 -8.57 -33.66
CA ILE B 55 18.23 -9.85 -33.49
C ILE B 55 17.27 -11.04 -33.53
N THR B 56 17.54 -11.96 -34.44
CA THR B 56 16.80 -13.22 -34.50
C THR B 56 17.72 -14.38 -34.18
N LEU B 57 17.37 -15.18 -33.17
CA LEU B 57 18.19 -16.35 -32.88
C LEU B 57 17.86 -17.44 -33.90
N LYS B 58 18.88 -17.87 -34.63
CA LYS B 58 18.73 -18.90 -35.64
C LYS B 58 18.97 -20.29 -35.05
N GLU B 59 20.13 -20.47 -34.43
CA GLU B 59 20.48 -21.74 -33.82
C GLU B 59 21.30 -21.57 -32.55
N ILE B 60 21.38 -22.65 -31.78
CA ILE B 60 22.21 -22.67 -30.58
C ILE B 60 23.07 -23.94 -30.60
N THR B 61 24.37 -23.77 -30.39
CA THR B 61 25.33 -24.84 -30.55
C THR B 61 26.45 -24.70 -29.52
N ASP B 62 27.28 -25.72 -29.39
CA ASP B 62 28.53 -25.58 -28.66
C ASP B 62 29.51 -24.83 -29.55
N PRO B 63 30.35 -23.96 -28.95
CA PRO B 63 31.25 -23.08 -29.70
C PRO B 63 32.16 -23.82 -30.69
N LEU B 64 32.62 -23.10 -31.70
CA LEU B 64 33.51 -23.64 -32.72
C LEU B 64 34.83 -24.07 -32.11
N ASP B 65 35.48 -25.04 -32.75
CA ASP B 65 36.76 -25.55 -32.27
C ASP B 65 37.84 -24.46 -32.31
N GLU B 66 37.71 -23.54 -33.27
CA GLU B 66 38.67 -22.46 -33.46
C GLU B 66 38.83 -21.58 -32.22
N PHE B 67 37.78 -21.50 -31.41
CA PHE B 67 37.82 -20.73 -30.17
C PHE B 67 38.62 -21.47 -29.09
N TYR B 68 38.20 -22.70 -28.77
CA TYR B 68 38.90 -23.59 -27.83
C TYR B 68 40.40 -23.63 -28.06
N ASP B 69 40.73 -23.79 -29.34
CA ASP B 69 42.08 -23.67 -29.84
C ASP B 69 42.56 -22.24 -29.60
N SER B 70 41.66 -21.28 -29.79
CA SER B 70 42.00 -19.88 -29.59
C SER B 70 42.37 -19.59 -28.14
N ILE B 71 41.90 -20.43 -27.23
CA ILE B 71 42.30 -20.24 -25.82
C ILE B 71 43.81 -20.31 -25.46
N ARG B 72 44.54 -21.23 -26.06
CA ARG B 72 45.96 -21.38 -25.79
C ARG B 72 46.80 -20.62 -26.82
N GLU B 73 46.78 -21.10 -28.06
CA GLU B 73 47.53 -20.47 -29.14
C GLU B 73 48.59 -19.52 -28.58
N PRO B 117 32.02 -27.45 -18.66
CA PRO B 117 31.15 -26.48 -19.34
C PRO B 117 30.05 -25.97 -18.42
N ASN B 118 28.85 -25.80 -18.97
CA ASN B 118 28.61 -26.08 -20.39
C ASN B 118 28.67 -24.81 -21.24
N ASP B 119 29.85 -24.53 -21.79
CA ASP B 119 30.04 -23.35 -22.63
C ASP B 119 29.03 -23.34 -23.78
N ILE B 120 28.84 -22.20 -24.42
CA ILE B 120 27.67 -22.09 -25.30
C ILE B 120 27.92 -21.13 -26.47
N GLN B 121 27.21 -21.32 -27.58
CA GLN B 121 27.35 -20.40 -28.71
C GLN B 121 26.02 -20.16 -29.40
N PHE B 122 25.70 -18.90 -29.65
CA PHE B 122 24.48 -18.54 -30.35
C PHE B 122 24.77 -18.16 -31.80
N LEU B 123 23.96 -18.68 -32.72
CA LEU B 123 23.98 -18.24 -34.11
C LEU B 123 22.88 -17.22 -34.32
N LEU B 124 23.24 -16.01 -34.71
CA LEU B 124 22.28 -14.91 -34.80
C LEU B 124 22.16 -14.35 -36.21
N GLU B 125 20.92 -14.08 -36.61
CA GLU B 125 20.65 -13.19 -37.73
C GLU B 125 20.55 -11.77 -37.19
N VAL B 126 21.44 -10.91 -37.65
CA VAL B 126 21.52 -9.54 -37.15
C VAL B 126 21.19 -8.54 -38.25
N GLU B 127 20.18 -7.72 -38.01
CA GLU B 127 19.80 -6.69 -38.97
C GLU B 127 19.95 -5.29 -38.38
N TYR B 128 20.96 -4.56 -38.87
CA TYR B 128 21.28 -3.24 -38.34
C TYR B 128 20.97 -2.10 -39.31
N LYS B 129 20.26 -1.10 -38.80
CA LYS B 129 19.98 0.15 -39.50
C LYS B 129 20.03 1.23 -38.40
N GLY B 130 20.98 1.06 -37.50
CA GLY B 130 21.07 1.92 -36.32
C GLY B 130 21.75 3.25 -36.53
N ASP B 131 21.98 3.97 -35.44
CA ASP B 131 22.48 5.34 -35.49
C ASP B 131 23.96 5.46 -35.11
N LEU B 132 24.75 4.47 -35.50
CA LEU B 132 26.20 4.51 -35.30
C LEU B 132 26.80 5.69 -36.05
N LEU B 133 27.73 6.39 -35.42
CA LEU B 133 28.34 7.57 -36.01
C LEU B 133 29.81 7.73 -35.68
N VAL B 134 30.64 7.76 -36.72
CA VAL B 134 32.06 8.03 -36.58
C VAL B 134 32.39 9.40 -37.17
N THR B 135 33.05 10.25 -36.40
CA THR B 135 33.52 11.53 -36.91
C THR B 135 35.04 11.57 -36.88
N ILE B 136 35.60 11.74 -38.07
CA ILE B 136 37.04 11.65 -38.33
C ILE B 136 37.60 12.99 -38.82
N GLY B 137 38.68 13.46 -38.20
CA GLY B 137 39.32 14.68 -38.63
C GLY B 137 40.47 14.44 -39.58
N ALA B 138 40.55 15.23 -40.64
CA ALA B 138 41.62 15.05 -41.62
C ALA B 138 42.23 16.38 -42.07
N ASP B 139 43.55 16.39 -42.22
CA ASP B 139 44.24 17.55 -42.79
C ASP B 139 44.54 17.30 -44.26
N LEU B 140 43.76 17.93 -45.12
CA LEU B 140 43.88 17.72 -46.57
C LEU B 140 44.95 18.64 -47.14
N VAL B 141 45.60 18.20 -48.21
CA VAL B 141 46.61 19.03 -48.86
C VAL B 141 46.10 19.52 -50.21
N LEU B 142 46.02 20.84 -50.34
CA LEU B 142 45.45 21.47 -51.53
C LEU B 142 46.50 22.11 -52.43
N ASN B 143 46.32 21.94 -53.73
CA ASN B 143 47.16 22.57 -54.74
C ASN B 143 46.46 23.75 -55.39
N TYR B 144 46.77 24.95 -54.93
CA TYR B 144 46.31 26.15 -55.59
C TYR B 144 47.31 26.51 -56.69
N PRO B 145 46.89 27.29 -57.70
CA PRO B 145 47.82 27.65 -58.78
C PRO B 145 49.01 28.48 -58.31
N VAL B 146 49.94 28.75 -59.22
CA VAL B 146 51.24 29.36 -58.91
C VAL B 146 52.00 28.30 -58.07
N GLU B 147 51.67 27.04 -58.34
CA GLU B 147 52.28 25.89 -57.68
C GLU B 147 52.29 26.06 -56.16
N LYS B 148 51.13 26.42 -55.63
CA LYS B 148 50.96 26.69 -54.21
C LYS B 148 50.40 25.50 -53.46
N PHE B 149 50.91 25.29 -52.25
CA PHE B 149 50.41 24.24 -51.38
C PHE B 149 49.74 24.85 -50.16
N MET B 150 48.63 24.26 -49.75
CA MET B 150 47.86 24.78 -48.64
C MET B 150 47.29 23.62 -47.84
N THR B 151 46.92 23.85 -46.59
CA THR B 151 46.26 22.79 -45.82
C THR B 151 44.81 23.13 -45.54
N LEU B 152 43.96 22.14 -45.67
CA LEU B 152 42.53 22.30 -45.47
C LEU B 152 42.03 21.32 -44.42
N PRO B 153 41.71 21.85 -43.22
CA PRO B 153 41.11 21.00 -42.19
C PRO B 153 39.72 20.55 -42.63
N VAL B 154 39.38 19.30 -42.34
CA VAL B 154 38.16 18.70 -42.88
C VAL B 154 37.57 17.71 -41.88
N LYS B 155 36.24 17.65 -41.82
CA LYS B 155 35.60 16.71 -40.90
C LYS B 155 34.68 15.70 -41.58
N LEU B 156 35.14 14.46 -41.70
CA LEU B 156 34.37 13.40 -42.33
C LEU B 156 33.43 12.71 -41.35
N SER B 157 32.21 12.43 -41.79
CA SER B 157 31.24 11.72 -40.96
C SER B 157 30.78 10.44 -41.64
N ILE B 158 31.13 9.31 -41.02
CA ILE B 158 30.63 8.01 -41.42
C ILE B 158 29.40 7.66 -40.59
N SER B 159 28.29 7.40 -41.27
CA SER B 159 27.01 7.20 -40.62
C SER B 159 26.10 6.29 -41.43
N ASP B 160 24.89 6.08 -40.92
CA ASP B 160 23.84 5.33 -41.62
C ASP B 160 24.34 3.99 -42.15
N ILE B 161 24.97 3.21 -41.29
CA ILE B 161 25.50 1.91 -41.68
C ILE B 161 24.38 0.89 -41.81
N GLY B 162 24.28 0.28 -42.99
CA GLY B 162 23.31 -0.77 -43.24
C GLY B 162 23.96 -2.13 -43.15
N LEU B 163 23.30 -3.05 -42.45
CA LEU B 163 23.87 -4.38 -42.24
C LEU B 163 22.75 -5.41 -42.12
N HIS B 164 22.98 -6.60 -42.66
CA HIS B 164 22.05 -7.71 -42.49
C HIS B 164 22.81 -9.01 -42.68
N SER B 165 23.26 -9.59 -41.58
CA SER B 165 24.22 -10.67 -41.65
C SER B 165 24.15 -11.67 -40.51
N LEU B 166 24.59 -12.89 -40.81
CA LEU B 166 24.77 -13.95 -39.84
C LEU B 166 26.05 -13.77 -39.05
N CYS B 167 25.88 -13.70 -37.74
CA CYS B 167 26.94 -13.53 -36.75
C CYS B 167 26.89 -14.68 -35.74
N ILE B 168 27.95 -14.83 -34.95
CA ILE B 168 27.93 -15.80 -33.86
C ILE B 168 28.48 -15.19 -32.58
N VAL B 169 27.88 -15.55 -31.45
CA VAL B 169 28.33 -15.08 -30.15
C VAL B 169 28.60 -16.27 -29.25
N ALA B 170 29.87 -16.52 -28.93
CA ALA B 170 30.23 -17.69 -28.16
C ALA B 170 30.76 -17.33 -26.77
N CYS B 171 30.15 -17.89 -25.73
CA CYS B 171 30.65 -17.75 -24.36
C CYS B 171 31.50 -18.96 -23.95
N LEU B 172 32.79 -18.71 -23.74
CA LEU B 172 33.73 -19.71 -23.21
C LEU B 172 34.66 -19.22 -22.08
N SER B 173 34.40 -19.75 -20.89
CA SER B 173 35.36 -19.85 -19.79
C SER B 173 35.95 -18.56 -19.22
N LYS B 174 35.14 -17.51 -19.16
CA LYS B 174 33.86 -17.48 -19.84
C LYS B 174 34.03 -16.64 -21.09
N GLN B 175 35.28 -16.23 -21.35
CA GLN B 175 35.52 -15.24 -22.39
C GLN B 175 34.61 -15.48 -23.58
N LEU B 176 34.08 -14.39 -24.11
CA LEU B 176 33.10 -14.42 -25.12
C LEU B 176 33.73 -14.10 -26.48
N PHE B 177 33.13 -14.64 -27.54
CA PHE B 177 33.62 -14.36 -28.89
C PHE B 177 32.51 -13.81 -29.80
N LEU B 178 32.82 -12.69 -30.43
CA LEU B 178 31.91 -12.02 -31.36
C LEU B 178 32.50 -12.03 -32.75
N SER B 179 31.74 -12.55 -33.72
CA SER B 179 32.22 -12.60 -35.09
C SER B 179 31.08 -12.62 -36.08
N PHE B 180 31.16 -11.75 -37.08
CA PHE B 180 30.21 -11.74 -38.17
C PHE B 180 30.65 -12.74 -39.22
N LEU B 181 29.83 -13.77 -39.43
CA LEU B 181 30.16 -14.80 -40.40
C LEU B 181 30.00 -14.27 -41.83
N CYS B 182 28.79 -13.87 -42.19
CA CYS B 182 28.56 -13.49 -43.59
C CYS B 182 27.27 -12.74 -43.81
N ASP B 183 27.11 -12.11 -44.96
CA ASP B 183 25.85 -11.44 -45.28
C ASP B 183 24.74 -12.47 -45.46
N VAL B 184 23.50 -12.06 -45.16
CA VAL B 184 22.35 -12.96 -45.20
C VAL B 184 22.11 -13.50 -46.62
N SER B 185 22.45 -12.72 -47.63
CA SER B 185 22.16 -13.09 -49.01
C SER B 185 23.41 -13.46 -49.79
N ASP B 186 24.41 -14.01 -49.09
CA ASP B 186 25.60 -14.51 -49.75
C ASP B 186 25.26 -15.77 -50.55
N PRO B 187 25.68 -15.82 -51.83
CA PRO B 187 25.39 -16.93 -52.74
C PRO B 187 25.74 -18.31 -52.16
N ALA B 188 26.84 -18.37 -51.41
CA ALA B 188 27.32 -19.62 -50.83
C ALA B 188 26.39 -20.16 -49.75
N LEU B 189 25.22 -19.55 -49.62
CA LEU B 189 24.20 -20.04 -48.71
C LEU B 189 23.00 -20.55 -49.48
N ASP B 190 23.23 -20.88 -50.76
CA ASP B 190 22.20 -20.99 -51.78
C ASP B 190 21.18 -22.07 -51.46
N ASP B 191 19.91 -21.81 -51.72
CA ASP B 191 18.90 -22.78 -51.35
C ASP B 191 19.00 -23.02 -49.85
N ASN B 192 19.06 -24.29 -49.44
CA ASN B 192 19.24 -24.60 -48.03
C ASN B 192 20.56 -25.32 -47.73
N GLN B 193 21.34 -24.71 -46.82
CA GLN B 193 22.60 -25.30 -46.35
C GLN B 193 22.92 -24.67 -45.00
N THR B 194 23.79 -25.31 -44.21
CA THR B 194 24.16 -24.70 -42.93
C THR B 194 25.43 -23.87 -43.01
N VAL B 195 25.52 -22.84 -42.18
CA VAL B 195 26.70 -21.98 -42.17
C VAL B 195 27.74 -22.54 -41.20
N LEU B 196 27.29 -23.30 -40.21
CA LEU B 196 28.18 -23.87 -39.21
C LEU B 196 28.97 -25.07 -39.73
N ASP B 197 28.85 -25.37 -41.03
CA ASP B 197 29.65 -26.42 -41.66
C ASP B 197 31.09 -25.94 -41.78
N PRO B 198 32.02 -26.60 -41.08
CA PRO B 198 33.42 -26.14 -41.01
C PRO B 198 34.19 -26.19 -42.32
N LYS B 199 33.89 -27.12 -43.22
CA LYS B 199 34.57 -27.08 -44.51
C LYS B 199 33.61 -26.68 -45.63
N GLY B 200 32.51 -26.06 -45.23
CA GLY B 200 31.70 -25.28 -46.14
C GLY B 200 32.48 -24.01 -46.44
N PRO B 201 32.03 -23.22 -47.43
CA PRO B 201 32.84 -22.09 -47.91
C PRO B 201 33.10 -21.02 -46.87
N ILE B 202 32.05 -20.53 -46.22
CA ILE B 202 32.14 -19.39 -45.32
C ILE B 202 33.08 -19.63 -44.14
N LEU B 203 32.92 -20.76 -43.47
CA LEU B 203 33.72 -21.07 -42.29
C LEU B 203 35.16 -21.43 -42.63
N ALA B 204 35.36 -22.13 -43.75
CA ALA B 204 36.68 -22.57 -44.15
C ALA B 204 37.58 -21.40 -44.54
N ALA B 205 36.96 -20.30 -44.91
CA ALA B 205 37.66 -19.10 -45.39
C ALA B 205 38.46 -19.31 -46.65
N THR B 206 37.87 -20.03 -47.59
CA THR B 206 38.63 -20.56 -48.72
C THR B 206 38.87 -19.43 -49.70
N LYS B 207 37.77 -18.77 -50.02
CA LYS B 207 37.72 -17.86 -51.15
C LYS B 207 37.22 -16.47 -50.73
N PRO B 208 38.10 -15.67 -50.11
CA PRO B 208 37.72 -14.41 -49.45
C PRO B 208 37.06 -13.39 -50.37
N LEU B 209 37.51 -13.30 -51.61
CA LEU B 209 36.96 -12.32 -52.55
C LEU B 209 35.62 -12.77 -53.13
N GLU B 210 35.28 -14.04 -52.99
CA GLU B 210 34.01 -14.53 -53.54
C GLU B 210 32.81 -14.08 -52.70
N ARG B 211 33.03 -13.74 -51.44
CA ARG B 211 31.88 -13.40 -50.61
C ARG B 211 31.58 -11.92 -50.56
N ILE B 212 30.29 -11.64 -50.45
CA ILE B 212 29.77 -10.30 -50.30
C ILE B 212 30.27 -9.70 -49.00
N SER B 213 30.42 -8.38 -48.96
CA SER B 213 30.88 -7.72 -47.74
C SER B 213 29.72 -7.54 -46.77
N ILE B 214 30.02 -7.72 -45.49
CA ILE B 214 29.05 -7.62 -44.40
C ILE B 214 28.30 -6.31 -44.42
N VAL B 215 29.02 -5.22 -44.69
CA VAL B 215 28.40 -3.91 -44.74
C VAL B 215 27.73 -3.64 -46.07
N ARG B 216 26.41 -3.55 -46.04
CA ARG B 216 25.63 -3.33 -47.24
C ARG B 216 25.68 -1.86 -47.67
N SER B 217 25.52 -0.97 -46.70
CA SER B 217 25.47 0.45 -46.99
C SER B 217 26.25 1.29 -45.98
N MET B 218 26.55 2.52 -46.38
CA MET B 218 27.35 3.43 -45.58
C MET B 218 27.25 4.83 -46.16
N LYS B 219 27.18 5.83 -45.30
CA LYS B 219 27.11 7.22 -45.76
C LYS B 219 28.29 8.03 -45.25
N ILE B 220 28.97 8.72 -46.16
CA ILE B 220 30.08 9.59 -45.77
C ILE B 220 29.84 11.03 -46.21
N GLU B 221 29.84 11.95 -45.25
CA GLU B 221 29.75 13.36 -45.58
C GLU B 221 31.02 14.08 -45.17
N THR B 222 31.20 15.30 -45.67
CA THR B 222 32.36 16.08 -45.28
C THR B 222 31.99 17.51 -44.93
N GLU B 223 32.47 17.95 -43.78
CA GLU B 223 32.33 19.32 -43.37
C GLU B 223 33.60 20.08 -43.75
N ILE B 224 33.40 21.03 -44.65
CA ILE B 224 34.42 21.97 -45.07
C ILE B 224 33.90 23.33 -44.65
N GLY B 225 34.72 24.11 -43.95
CA GLY B 225 34.38 25.51 -43.80
C GLY B 225 34.41 26.07 -45.20
N GLU B 226 33.35 26.73 -45.65
CA GLU B 226 33.49 27.26 -46.98
C GLU B 226 33.95 28.70 -46.97
N GLN B 227 35.24 28.76 -46.81
CA GLN B 227 36.04 29.65 -47.56
C GLN B 227 36.26 28.85 -48.86
N TYR B 228 36.02 27.53 -48.79
CA TYR B 228 36.52 26.56 -49.76
C TYR B 228 35.51 25.74 -50.60
N GLN B 229 34.36 25.40 -50.03
CA GLN B 229 33.51 24.41 -50.66
C GLN B 229 33.20 24.81 -52.11
N GLY B 230 33.20 26.10 -52.40
CA GLY B 230 32.93 26.56 -53.76
C GLY B 230 33.89 26.11 -54.85
N GLN B 231 35.20 26.10 -54.58
CA GLN B 231 36.15 25.58 -55.57
C GLN B 231 35.85 24.11 -55.87
N GLY B 232 36.33 23.62 -57.01
CA GLY B 232 36.07 22.23 -57.39
C GLY B 232 37.25 21.36 -57.03
N SER B 233 38.42 21.98 -56.97
CA SER B 233 39.65 21.29 -56.58
C SER B 233 39.50 20.69 -55.18
N VAL B 234 39.07 21.54 -54.25
CA VAL B 234 38.78 21.09 -52.89
C VAL B 234 37.75 19.98 -52.86
N LEU B 235 36.66 20.13 -53.61
CA LEU B 235 35.59 19.14 -53.60
C LEU B 235 36.07 17.78 -54.12
N ARG B 236 36.94 17.81 -55.12
CA ARG B 236 37.45 16.57 -55.70
C ARG B 236 38.45 15.91 -54.76
N SER B 237 39.31 16.73 -54.14
CA SER B 237 40.24 16.21 -53.13
C SER B 237 39.47 15.53 -52.01
N VAL B 238 38.42 16.21 -51.55
CA VAL B 238 37.53 15.67 -50.52
C VAL B 238 36.88 14.37 -50.98
N GLY B 239 36.50 14.31 -52.26
CA GLY B 239 35.95 13.08 -52.81
C GLY B 239 36.93 11.93 -52.71
N GLU B 240 38.15 12.17 -53.15
CA GLU B 240 39.22 11.18 -53.05
C GLU B 240 39.38 10.70 -51.61
N LEU B 241 39.42 11.65 -50.69
CA LEU B 241 39.56 11.33 -49.27
C LEU B 241 38.40 10.47 -48.77
N GLU B 242 37.20 10.78 -49.24
CA GLU B 242 36.01 10.03 -48.84
C GLU B 242 36.08 8.60 -49.31
N GLN B 243 36.49 8.40 -50.56
CA GLN B 243 36.63 7.05 -51.09
C GLN B 243 37.68 6.27 -50.30
N PHE B 244 38.83 6.90 -50.08
CA PHE B 244 39.91 6.30 -49.30
C PHE B 244 39.41 5.87 -47.92
N LEU B 245 38.67 6.76 -47.26
CA LEU B 245 38.15 6.49 -45.92
C LEU B 245 37.13 5.35 -45.94
N PHE B 246 36.35 5.28 -47.02
CA PHE B 246 35.39 4.20 -47.20
C PHE B 246 36.10 2.86 -47.22
N THR B 247 37.10 2.75 -48.09
CA THR B 247 37.90 1.53 -48.19
C THR B 247 38.54 1.19 -46.85
N ILE B 248 39.13 2.20 -46.22
CA ILE B 248 39.82 2.03 -44.94
C ILE B 248 38.90 1.48 -43.85
N PHE B 249 37.69 2.02 -43.76
CA PHE B 249 36.75 1.59 -42.72
C PHE B 249 36.25 0.17 -42.97
N LYS B 250 35.83 -0.09 -44.21
CA LYS B 250 35.39 -1.45 -44.57
C LYS B 250 36.47 -2.45 -44.21
N ASP B 251 37.71 -2.10 -44.57
CA ASP B 251 38.87 -2.95 -44.34
C ASP B 251 39.03 -3.17 -42.82
N PHE B 252 38.93 -2.10 -42.05
CA PHE B 252 39.03 -2.15 -40.58
C PHE B 252 38.08 -3.18 -39.98
N LEU B 253 36.81 -3.09 -40.36
CA LEU B 253 35.80 -3.98 -39.82
C LEU B 253 35.95 -5.41 -40.31
N ARG B 254 36.49 -5.59 -41.52
CA ARG B 254 36.64 -6.96 -41.95
C ARG B 254 37.85 -7.62 -41.28
N LYS B 255 38.85 -6.83 -40.88
CA LYS B 255 39.94 -7.43 -40.11
C LYS B 255 39.69 -7.45 -38.60
N GLU B 256 38.63 -6.80 -38.13
CA GLU B 256 38.36 -6.82 -36.69
C GLU B 256 37.10 -7.62 -36.29
N LEU B 257 36.19 -7.80 -37.24
CA LEU B 257 34.86 -8.33 -36.94
C LEU B 257 34.48 -9.53 -37.80
N ALA B 258 34.96 -9.55 -39.04
CA ALA B 258 34.57 -10.57 -40.01
C ALA B 258 35.33 -11.87 -39.80
N TRP B 259 34.60 -12.99 -39.82
CA TRP B 259 35.22 -14.31 -39.82
C TRP B 259 36.17 -14.40 -41.01
N PRO B 260 37.36 -14.98 -40.81
CA PRO B 260 37.86 -15.71 -39.63
C PRO B 260 38.38 -14.86 -38.48
N SER B 261 38.31 -13.53 -38.57
CA SER B 261 38.70 -12.70 -37.44
C SER B 261 37.50 -12.52 -36.52
N TRP B 262 37.77 -12.17 -35.26
CA TRP B 262 36.70 -11.96 -34.29
C TRP B 262 37.10 -10.96 -33.21
N ILE B 263 36.11 -10.51 -32.44
CA ILE B 263 36.34 -9.69 -31.25
C ILE B 263 36.38 -10.54 -29.98
N ASN B 264 37.45 -10.40 -29.21
CA ASN B 264 37.66 -11.21 -28.02
C ASN B 264 37.67 -10.38 -26.75
N LEU B 265 37.00 -10.88 -25.72
CA LEU B 265 36.93 -10.18 -24.44
C LEU B 265 37.74 -10.90 -23.37
N ASP B 266 38.47 -10.13 -22.57
CA ASP B 266 39.29 -10.70 -21.50
C ASP B 266 38.82 -10.19 -20.14
N PHE B 267 38.62 -11.11 -19.21
CA PHE B 267 38.18 -10.76 -17.86
C PHE B 267 38.99 -11.51 -16.80
N GLY C 1 -12.51 16.19 21.99
CA GLY C 1 -13.16 17.01 22.98
C GLY C 1 -13.08 16.43 24.38
N MET C 2 -14.13 15.75 24.81
CA MET C 2 -14.22 15.23 26.17
C MET C 2 -13.90 13.74 26.25
N SER C 3 -13.21 13.35 27.33
CA SER C 3 -12.86 11.96 27.55
C SER C 3 -13.88 11.25 28.44
N PHE C 4 -14.09 9.97 28.17
CA PHE C 4 -14.97 9.14 28.99
C PHE C 4 -14.32 7.79 29.26
N ASP C 5 -14.66 7.18 30.39
CA ASP C 5 -14.29 5.80 30.66
C ASP C 5 -15.54 4.97 30.92
N ILE C 6 -15.81 4.04 30.02
CA ILE C 6 -17.09 3.33 29.99
C ILE C 6 -16.94 1.88 30.46
N ASN C 7 -17.93 1.40 31.22
CA ASN C 7 -17.92 0.04 31.75
C ASN C 7 -19.24 -0.68 31.51
N TRP C 8 -19.20 -1.73 30.69
CA TRP C 8 -20.41 -2.47 30.32
C TRP C 8 -20.45 -3.87 30.92
N SER C 9 -19.92 -4.01 32.14
CA SER C 9 -19.76 -5.32 32.78
C SER C 9 -21.08 -6.06 33.05
N THR C 10 -22.11 -5.33 33.48
CA THR C 10 -23.39 -5.95 33.82
C THR C 10 -24.06 -6.53 32.58
N LEU C 11 -23.84 -5.88 31.43
CA LEU C 11 -24.41 -6.31 30.17
C LEU C 11 -23.76 -7.60 29.67
N GLU C 12 -22.82 -8.13 30.44
CA GLU C 12 -22.08 -9.32 30.04
C GLU C 12 -22.20 -10.45 31.06
N SER C 13 -23.44 -10.81 31.43
CA SER C 13 -23.68 -11.77 32.50
C SER C 13 -23.23 -13.23 32.16
N ASP C 14 -23.59 -13.77 30.98
CA ASP C 14 -22.97 -15.01 30.46
C ASP C 14 -22.42 -14.82 29.01
N ASN C 15 -22.92 -13.84 28.26
CA ASN C 15 -22.20 -13.41 27.06
C ASN C 15 -21.05 -12.51 27.47
N ARG C 16 -19.83 -12.78 27.01
CA ARG C 16 -18.76 -11.80 27.14
C ARG C 16 -18.38 -11.33 25.75
N LEU C 17 -18.05 -10.05 25.62
CA LEU C 17 -17.76 -9.48 24.32
C LEU C 17 -16.52 -10.12 23.70
N ASN C 18 -15.43 -10.13 24.46
CA ASN C 18 -14.18 -10.75 24.05
C ASN C 18 -14.37 -12.19 23.57
N ASP C 19 -15.17 -12.95 24.32
CA ASP C 19 -15.41 -14.34 24.00
C ASP C 19 -16.25 -14.51 22.75
N LEU C 20 -17.22 -13.61 22.56
CA LEU C 20 -18.04 -13.62 21.35
C LEU C 20 -17.16 -13.38 20.13
N ILE C 21 -16.33 -12.34 20.19
CA ILE C 21 -15.40 -12.04 19.11
C ILE C 21 -14.48 -13.23 18.86
N ARG C 22 -14.01 -13.85 19.95
CA ARG C 22 -13.09 -14.97 19.83
C ARG C 22 -13.72 -16.15 19.10
N LYS C 23 -14.94 -16.52 19.49
CA LYS C 23 -15.62 -17.64 18.84
C LYS C 23 -15.95 -17.35 17.38
N HIS C 24 -16.35 -16.11 17.10
CA HIS C 24 -16.67 -15.74 15.72
C HIS C 24 -15.42 -15.81 14.83
N LEU C 25 -14.35 -15.16 15.29
CA LEU C 25 -13.07 -15.16 14.58
C LEU C 25 -12.55 -16.59 14.40
N ASN C 26 -12.75 -17.42 15.43
CA ASN C 26 -12.35 -18.82 15.36
C ASN C 26 -13.11 -19.53 14.26
N SER C 27 -14.42 -19.33 14.20
CA SER C 27 -15.24 -19.90 13.12
C SER C 27 -14.69 -19.49 11.75
N TYR C 28 -14.40 -18.20 11.61
CA TYR C 28 -13.83 -17.69 10.38
C TYR C 28 -12.54 -18.44 10.00
N LEU C 29 -11.65 -18.60 10.98
CA LEU C 29 -10.39 -19.29 10.75
C LEU C 29 -10.58 -20.75 10.35
N GLN C 30 -11.46 -21.44 11.06
CA GLN C 30 -11.71 -22.86 10.80
C GLN C 30 -12.42 -23.05 9.46
N ASN C 31 -12.98 -21.98 8.91
CA ASN C 31 -13.55 -22.05 7.57
C ASN C 31 -12.66 -21.45 6.49
N THR C 32 -11.37 -21.31 6.80
CA THR C 32 -10.40 -20.75 5.86
C THR C 32 -9.51 -21.85 5.30
N GLN C 33 -9.36 -21.90 3.96
CA GLN C 33 -8.45 -22.86 3.37
C GLN C 33 -7.02 -22.46 3.73
N LEU C 34 -6.23 -23.45 4.14
CA LEU C 34 -4.89 -23.19 4.64
C LEU C 34 -3.83 -23.58 3.63
N PRO C 35 -2.73 -22.82 3.58
CA PRO C 35 -1.58 -23.14 2.74
C PRO C 35 -0.90 -24.43 3.18
N SER C 36 0.18 -24.79 2.49
CA SER C 36 0.92 -26.01 2.79
C SER C 36 1.73 -25.88 4.07
N TYR C 37 2.04 -24.65 4.47
CA TYR C 37 2.94 -24.43 5.60
C TYR C 37 2.23 -24.25 6.94
N VAL C 38 0.90 -24.29 6.94
CA VAL C 38 0.17 -24.23 8.20
C VAL C 38 -1.01 -25.21 8.20
N SER C 39 -1.11 -26.03 9.24
CA SER C 39 -2.12 -27.08 9.29
C SER C 39 -3.33 -26.69 10.12
N ASN C 40 -3.12 -25.80 11.09
CA ASN C 40 -4.21 -25.36 11.95
C ASN C 40 -4.10 -23.92 12.40
N LEU C 41 -5.25 -23.23 12.43
CA LEU C 41 -5.33 -21.90 12.99
C LEU C 41 -6.43 -21.87 14.04
N ARG C 42 -6.15 -21.22 15.17
CA ARG C 42 -7.12 -21.13 16.25
C ARG C 42 -6.86 -19.89 17.09
N VAL C 43 -7.93 -19.28 17.59
CA VAL C 43 -7.78 -18.11 18.44
C VAL C 43 -7.58 -18.54 19.88
N LEU C 44 -6.40 -18.27 20.41
CA LEU C 44 -6.11 -18.57 21.81
C LEU C 44 -6.79 -17.55 22.71
N ASP C 45 -6.63 -16.27 22.38
CA ASP C 45 -7.28 -15.23 23.16
C ASP C 45 -7.59 -13.99 22.33
N PHE C 46 -8.67 -13.31 22.67
CA PHE C 46 -9.00 -12.03 22.07
C PHE C 46 -9.23 -11.01 23.19
N ASP C 47 -8.71 -9.79 23.01
CA ASP C 47 -8.84 -8.77 24.04
C ASP C 47 -8.98 -7.38 23.43
N LEU C 48 -10.17 -6.80 23.55
CA LEU C 48 -10.44 -5.49 22.95
C LEU C 48 -9.64 -4.40 23.66
N GLY C 49 -9.25 -4.65 24.90
CA GLY C 49 -8.35 -3.76 25.62
C GLY C 49 -9.02 -2.71 26.48
N LYS C 50 -8.22 -1.77 26.97
CA LYS C 50 -8.70 -0.73 27.87
C LYS C 50 -8.73 0.63 27.17
N VAL C 51 -8.09 0.69 26.00
CA VAL C 51 -7.97 1.94 25.26
C VAL C 51 -8.83 1.92 23.99
N GLY C 52 -9.80 2.82 23.93
CA GLY C 52 -10.72 2.87 22.80
C GLY C 52 -10.40 3.97 21.83
N PRO C 53 -11.31 4.20 20.87
CA PRO C 53 -11.11 5.18 19.81
C PRO C 53 -11.40 6.61 20.23
N ALA C 54 -10.88 7.56 19.47
CA ALA C 54 -11.31 8.94 19.55
C ALA C 54 -12.44 9.11 18.54
N ILE C 55 -13.61 9.50 19.03
CA ILE C 55 -14.79 9.59 18.17
C ILE C 55 -15.24 11.03 17.96
N THR C 56 -15.28 11.43 16.70
CA THR C 56 -15.78 12.75 16.32
C THR C 56 -17.09 12.60 15.57
N LEU C 57 -18.13 13.29 16.03
CA LEU C 57 -19.39 13.28 15.31
C LEU C 57 -19.27 14.19 14.10
N LYS C 58 -19.46 13.62 12.91
CA LYS C 58 -19.30 14.36 11.66
C LYS C 58 -20.62 14.88 11.13
N GLU C 59 -21.62 14.01 11.12
CA GLU C 59 -22.92 14.34 10.57
C GLU C 59 -23.96 13.37 11.10
N ILE C 60 -25.23 13.79 11.04
CA ILE C 60 -26.31 12.96 11.55
C ILE C 60 -27.50 13.05 10.59
N THR C 61 -27.99 11.89 10.15
CA THR C 61 -28.90 11.80 9.03
C THR C 61 -29.95 10.72 9.27
N ASP C 62 -30.94 10.64 8.38
CA ASP C 62 -31.76 9.46 8.28
C ASP C 62 -30.86 8.29 7.92
N PRO C 63 -31.24 7.08 8.36
CA PRO C 63 -30.47 5.89 7.97
C PRO C 63 -30.46 5.68 6.46
N LEU C 64 -29.43 5.00 5.95
CA LEU C 64 -29.36 4.68 4.53
C LEU C 64 -30.52 3.78 4.12
N ASP C 65 -30.96 3.91 2.88
CA ASP C 65 -32.07 3.11 2.37
C ASP C 65 -31.74 1.62 2.39
N GLU C 66 -30.45 1.31 2.22
CA GLU C 66 -29.99 -0.07 2.11
C GLU C 66 -30.34 -0.88 3.37
N PHE C 67 -30.35 -0.23 4.52
CA PHE C 67 -30.71 -0.89 5.77
C PHE C 67 -32.18 -1.33 5.74
N TYR C 68 -33.07 -0.38 5.45
CA TYR C 68 -34.49 -0.65 5.31
C TYR C 68 -34.72 -1.79 4.32
N ASP C 69 -34.01 -1.71 3.19
CA ASP C 69 -34.08 -2.75 2.16
C ASP C 69 -33.68 -4.11 2.73
N SER C 70 -32.64 -4.11 3.56
CA SER C 70 -32.18 -5.34 4.20
C SER C 70 -33.24 -5.92 5.11
N ILE C 71 -33.93 -5.05 5.84
CA ILE C 71 -34.97 -5.49 6.77
C ILE C 71 -36.20 -6.04 6.02
N ARG C 72 -36.57 -5.40 4.93
CA ARG C 72 -37.72 -5.83 4.13
C ARG C 72 -37.61 -7.30 3.74
N GLU C 73 -36.42 -7.72 3.35
CA GLU C 73 -36.19 -9.11 3.01
C GLU C 73 -36.26 -10.00 4.25
N GLU C 74 -35.21 -9.97 5.07
CA GLU C 74 -35.24 -10.73 6.32
C GLU C 74 -35.16 -9.77 7.51
N PRO C 115 -44.44 4.97 22.10
CA PRO C 115 -43.73 3.84 21.51
C PRO C 115 -42.47 4.24 20.73
N SER C 116 -41.80 3.24 20.15
CA SER C 116 -40.34 3.29 19.89
C SER C 116 -39.96 3.90 18.51
N PRO C 117 -38.98 4.84 18.53
CA PRO C 117 -38.59 5.92 17.62
C PRO C 117 -39.31 6.20 16.28
N ASN C 118 -38.83 7.28 15.65
CA ASN C 118 -38.55 7.26 14.22
C ASN C 118 -37.04 7.47 14.21
N ASP C 119 -36.38 6.81 13.26
CA ASP C 119 -35.01 6.36 13.46
C ASP C 119 -33.90 7.37 13.14
N ILE C 120 -32.64 6.95 13.20
CA ILE C 120 -31.56 7.94 13.21
C ILE C 120 -30.22 7.30 12.87
N GLN C 121 -29.28 8.08 12.33
CA GLN C 121 -27.97 7.53 11.96
C GLN C 121 -26.84 8.52 12.17
N PHE C 122 -25.78 8.07 12.83
CA PHE C 122 -24.61 8.91 13.09
C PHE C 122 -23.47 8.61 12.13
N LEU C 123 -22.98 9.64 11.45
CA LEU C 123 -21.75 9.53 10.68
C LEU C 123 -20.56 9.92 11.56
N LEU C 124 -19.69 8.97 11.82
CA LEU C 124 -18.59 9.18 12.76
C LEU C 124 -17.21 9.12 12.12
N GLU C 125 -16.34 10.04 12.53
CA GLU C 125 -14.92 9.91 12.28
C GLU C 125 -14.31 9.16 13.47
N VAL C 126 -13.68 8.03 13.19
CA VAL C 126 -13.13 7.19 14.25
C VAL C 126 -11.62 7.07 14.12
N GLU C 127 -10.90 7.44 15.17
CA GLU C 127 -9.45 7.34 15.17
C GLU C 127 -8.95 6.41 16.26
N TYR C 128 -8.49 5.23 15.87
CA TYR C 128 -8.05 4.21 16.80
C TYR C 128 -6.55 4.00 16.79
N LYS C 129 -5.96 4.02 17.99
CA LYS C 129 -4.57 3.66 18.20
C LYS C 129 -4.50 2.91 19.52
N GLY C 130 -5.49 2.03 19.73
CA GLY C 130 -5.69 1.40 21.02
C GLY C 130 -4.95 0.10 21.23
N ASP C 131 -5.31 -0.60 22.31
CA ASP C 131 -4.54 -1.75 22.77
C ASP C 131 -5.23 -3.10 22.51
N LEU C 132 -5.91 -3.21 21.39
CA LEU C 132 -6.49 -4.48 20.98
C LEU C 132 -5.38 -5.52 20.83
N LEU C 133 -5.67 -6.76 21.21
CA LEU C 133 -4.69 -7.82 21.12
C LEU C 133 -5.33 -9.16 20.78
N VAL C 134 -4.89 -9.77 19.68
CA VAL C 134 -5.31 -11.11 19.32
C VAL C 134 -4.12 -12.07 19.42
N THR C 135 -4.29 -13.15 20.18
CA THR C 135 -3.27 -14.19 20.24
C THR C 135 -3.80 -15.45 19.58
N ILE C 136 -3.14 -15.85 18.50
CA ILE C 136 -3.57 -16.93 17.63
C ILE C 136 -2.60 -18.11 17.68
N GLY C 137 -3.12 -19.32 17.81
CA GLY C 137 -2.29 -20.51 17.75
C GLY C 137 -2.22 -21.05 16.34
N ALA C 138 -1.01 -21.37 15.88
CA ALA C 138 -0.81 -21.91 14.54
C ALA C 138 0.12 -23.12 14.54
N ASP C 139 -0.21 -24.10 13.71
CA ASP C 139 0.64 -25.27 13.56
C ASP C 139 1.46 -25.14 12.27
N LEU C 140 2.68 -24.67 12.42
CA LEU C 140 3.57 -24.42 11.29
C LEU C 140 4.09 -25.73 10.72
N VAL C 141 4.03 -25.86 9.40
CA VAL C 141 4.53 -27.08 8.76
C VAL C 141 5.83 -26.83 8.01
N LEU C 142 6.91 -27.42 8.52
CA LEU C 142 8.22 -27.34 7.89
C LEU C 142 8.36 -28.40 6.81
N ASN C 143 8.61 -27.94 5.58
CA ASN C 143 8.77 -28.78 4.41
C ASN C 143 10.19 -28.70 3.82
N TYR C 144 11.16 -28.29 4.62
CA TYR C 144 12.50 -27.97 4.11
C TYR C 144 13.14 -29.20 3.41
N PRO C 145 13.41 -30.26 4.18
CA PRO C 145 13.70 -31.55 3.56
C PRO C 145 12.42 -32.39 3.58
N VAL C 146 11.92 -32.78 2.41
CA VAL C 146 10.68 -33.54 2.29
C VAL C 146 9.45 -32.64 2.34
N GLU C 147 8.26 -33.24 2.27
CA GLU C 147 7.02 -32.49 2.39
C GLU C 147 6.45 -32.86 3.74
N LYS C 148 6.13 -31.84 4.55
CA LYS C 148 5.71 -32.12 5.93
C LYS C 148 6.79 -32.83 6.73
N PHE C 149 7.99 -32.25 6.72
CA PHE C 149 9.08 -32.76 7.52
C PHE C 149 8.73 -32.67 8.99
N MET C 150 8.23 -31.51 9.40
CA MET C 150 7.99 -31.30 10.83
C MET C 150 6.79 -30.39 11.08
N THR C 151 6.21 -30.47 12.28
CA THR C 151 5.15 -29.55 12.66
C THR C 151 5.47 -28.88 13.99
N LEU C 152 5.57 -27.57 13.97
CA LEU C 152 5.85 -26.80 15.19
C LEU C 152 4.62 -26.03 15.64
N PRO C 153 4.11 -26.35 16.82
CA PRO C 153 3.14 -25.47 17.48
C PRO C 153 3.78 -24.11 17.73
N VAL C 154 3.04 -23.06 17.44
CA VAL C 154 3.59 -21.71 17.38
C VAL C 154 2.51 -20.71 17.78
N LYS C 155 2.87 -19.59 18.40
CA LYS C 155 1.78 -18.66 18.68
C LYS C 155 2.09 -17.21 18.27
N LEU C 156 1.19 -16.66 17.46
CA LEU C 156 1.36 -15.32 16.91
C LEU C 156 0.54 -14.30 17.68
N SER C 157 1.05 -13.07 17.72
CA SER C 157 0.36 -11.97 18.37
C SER C 157 0.14 -10.83 17.37
N ILE C 158 -1.13 -10.57 17.10
CA ILE C 158 -1.57 -9.42 16.33
C ILE C 158 -1.92 -8.29 17.30
N SER C 159 -1.28 -7.14 17.12
CA SER C 159 -1.41 -6.04 18.06
C SER C 159 -1.21 -4.70 17.38
N ASP C 160 -1.24 -3.63 18.18
CA ASP C 160 -0.95 -2.28 17.73
C ASP C 160 -1.66 -1.91 16.43
N ILE C 161 -2.98 -2.06 16.42
CA ILE C 161 -3.76 -1.75 15.23
C ILE C 161 -3.99 -0.24 15.11
N GLY C 162 -3.63 0.29 13.94
CA GLY C 162 -3.85 1.69 13.65
C GLY C 162 -5.01 1.87 12.70
N LEU C 163 -5.88 2.83 13.00
CA LEU C 163 -7.09 3.03 12.20
C LEU C 163 -7.50 4.50 12.24
N HIS C 164 -8.02 5.00 11.13
CA HIS C 164 -8.55 6.36 11.07
C HIS C 164 -9.54 6.45 9.91
N SER C 165 -10.82 6.30 10.21
CA SER C 165 -11.80 6.08 9.17
C SER C 165 -13.21 6.55 9.52
N LEU C 166 -13.96 6.90 8.48
CA LEU C 166 -15.38 7.19 8.60
C LEU C 166 -16.20 5.91 8.65
N CYS C 167 -16.97 5.79 9.74
CA CYS C 167 -17.92 4.70 9.93
C CYS C 167 -19.31 5.28 10.17
N ILE C 168 -20.32 4.44 10.18
CA ILE C 168 -21.68 4.89 10.50
C ILE C 168 -22.35 3.98 11.52
N VAL C 169 -23.19 4.57 12.36
CA VAL C 169 -23.95 3.83 13.35
C VAL C 169 -25.43 4.13 13.19
N ALA C 170 -26.20 3.14 12.75
CA ALA C 170 -27.58 3.36 12.37
C ALA C 170 -28.58 2.67 13.29
N CYS C 171 -29.39 3.49 13.96
CA CYS C 171 -30.55 3.02 14.70
C CYS C 171 -31.75 2.93 13.76
N LEU C 172 -32.13 1.70 13.40
CA LEU C 172 -33.43 1.37 12.80
C LEU C 172 -34.17 0.37 13.73
N SER C 173 -35.26 0.86 14.34
CA SER C 173 -35.82 0.30 15.61
C SER C 173 -36.47 -1.11 15.74
N LYS C 174 -35.83 -1.94 16.56
CA LYS C 174 -34.54 -1.46 17.05
C LYS C 174 -33.50 -2.40 16.70
N GLN C 175 -33.18 -2.35 15.42
CA GLN C 175 -32.02 -3.01 14.88
C GLN C 175 -30.91 -2.00 15.06
N LEU C 176 -29.69 -2.46 15.31
CA LEU C 176 -28.58 -1.51 15.35
C LEU C 176 -27.55 -1.95 14.32
N PHE C 177 -27.13 -1.03 13.48
CA PHE C 177 -26.18 -1.34 12.41
C PHE C 177 -24.86 -0.59 12.59
N LEU C 178 -23.77 -1.34 12.52
CA LEU C 178 -22.42 -0.75 12.61
C LEU C 178 -21.63 -1.04 11.34
N SER C 179 -21.00 -0.03 10.76
CA SER C 179 -20.22 -0.25 9.54
C SER C 179 -19.16 0.79 9.29
N PHE C 180 -17.94 0.33 9.02
CA PHE C 180 -16.86 1.21 8.59
C PHE C 180 -16.99 1.52 7.10
N LEU C 181 -17.23 2.77 6.76
CA LEU C 181 -17.35 3.17 5.36
C LEU C 181 -16.00 3.17 4.67
N CYS C 182 -15.11 4.06 5.08
CA CYS C 182 -13.85 4.21 4.35
C CYS C 182 -12.78 4.90 5.17
N ASP C 183 -11.53 4.84 4.73
CA ASP C 183 -10.46 5.57 5.41
C ASP C 183 -10.65 7.07 5.23
N VAL C 184 -10.20 7.84 6.21
CA VAL C 184 -10.37 9.29 6.21
C VAL C 184 -9.73 9.95 4.98
N SER C 185 -8.59 9.42 4.56
CA SER C 185 -7.85 10.01 3.45
C SER C 185 -8.05 9.26 2.13
N ASP C 186 -9.22 8.65 1.96
CA ASP C 186 -9.56 7.97 0.71
C ASP C 186 -9.78 9.00 -0.39
N PRO C 187 -9.16 8.79 -1.56
CA PRO C 187 -9.22 9.71 -2.70
C PRO C 187 -10.65 10.08 -3.12
N ALA C 188 -11.59 9.17 -2.89
CA ALA C 188 -12.98 9.38 -3.30
C ALA C 188 -13.70 10.37 -2.40
N LEU C 189 -12.95 11.09 -1.57
CA LEU C 189 -13.56 12.00 -0.59
C LEU C 189 -13.27 13.49 -0.80
N ASP C 190 -12.20 13.83 -1.54
CA ASP C 190 -11.79 15.23 -1.62
C ASP C 190 -12.74 16.04 -2.51
N ASP C 191 -13.54 15.41 -3.38
CA ASP C 191 -14.63 16.25 -3.86
C ASP C 191 -15.77 16.05 -2.90
N ASN C 192 -15.97 17.03 -2.02
CA ASN C 192 -16.87 16.83 -0.88
C ASN C 192 -18.34 17.03 -1.16
N GLN C 193 -18.92 16.07 -1.88
CA GLN C 193 -20.37 15.96 -2.02
C GLN C 193 -20.88 15.16 -0.83
N THR C 194 -19.93 14.66 -0.04
CA THR C 194 -20.20 13.87 1.15
C THR C 194 -20.04 12.37 0.91
N VAL C 195 -19.67 11.65 1.96
CA VAL C 195 -19.45 10.20 1.89
C VAL C 195 -20.70 9.39 1.60
N LEU C 196 -21.81 9.76 2.22
CA LEU C 196 -23.04 8.97 2.17
C LEU C 196 -23.57 8.77 0.75
N ASP C 197 -23.51 9.83 -0.06
CA ASP C 197 -24.04 9.77 -1.41
C ASP C 197 -24.04 8.33 -1.89
N PRO C 198 -25.23 7.76 -2.12
CA PRO C 198 -25.37 6.36 -2.54
C PRO C 198 -24.79 6.11 -3.94
N LYS C 199 -24.87 7.12 -4.81
CA LYS C 199 -24.35 6.97 -6.16
C LYS C 199 -22.84 7.23 -6.19
N GLY C 200 -22.31 7.75 -5.08
CA GLY C 200 -20.90 7.97 -4.93
C GLY C 200 -20.13 6.66 -4.86
N PRO C 201 -18.79 6.72 -4.98
CA PRO C 201 -17.95 5.53 -5.07
C PRO C 201 -17.94 4.66 -3.82
N ILE C 202 -17.79 5.29 -2.66
CA ILE C 202 -17.66 4.57 -1.40
C ILE C 202 -18.89 3.71 -1.09
N LEU C 203 -20.06 4.32 -1.10
CA LEU C 203 -21.29 3.61 -0.78
C LEU C 203 -21.70 2.62 -1.87
N ALA C 204 -21.45 2.97 -3.13
CA ALA C 204 -21.80 2.10 -4.25
C ALA C 204 -20.96 0.83 -4.23
N ALA C 205 -19.75 0.94 -3.69
CA ALA C 205 -18.87 -0.21 -3.51
C ALA C 205 -18.60 -0.98 -4.80
N THR C 206 -18.48 -0.27 -5.91
CA THR C 206 -18.30 -0.91 -7.21
C THR C 206 -16.83 -1.21 -7.53
N LYS C 207 -15.92 -0.46 -6.92
CA LYS C 207 -14.49 -0.67 -7.15
C LYS C 207 -13.70 -0.81 -5.84
N PRO C 208 -13.79 -1.97 -5.19
CA PRO C 208 -13.13 -2.29 -3.93
C PRO C 208 -11.61 -2.17 -4.01
N LEU C 209 -11.06 -2.42 -5.20
CA LEU C 209 -9.62 -2.33 -5.43
C LEU C 209 -9.08 -0.92 -5.18
N GLU C 210 -9.84 0.07 -5.62
CA GLU C 210 -9.38 1.45 -5.57
C GLU C 210 -9.56 2.07 -4.19
N ARG C 211 -10.07 1.29 -3.25
CA ARG C 211 -10.27 1.77 -1.89
C ARG C 211 -8.99 1.66 -1.06
N ILE C 212 -8.71 2.70 -0.28
CA ILE C 212 -7.62 2.66 0.69
C ILE C 212 -8.00 1.71 1.83
N SER C 213 -7.04 0.94 2.32
CA SER C 213 -7.28 0.02 3.42
C SER C 213 -7.77 0.74 4.67
N ILE C 214 -8.80 0.18 5.30
CA ILE C 214 -9.32 0.70 6.57
C ILE C 214 -8.25 0.62 7.65
N VAL C 215 -7.64 -0.56 7.77
CA VAL C 215 -6.56 -0.77 8.72
C VAL C 215 -5.26 -0.17 8.21
N ARG C 216 -4.80 0.89 8.87
CA ARG C 216 -3.62 1.61 8.43
C ARG C 216 -2.34 0.87 8.80
N SER C 217 -2.26 0.40 10.05
CA SER C 217 -1.10 -0.36 10.49
C SER C 217 -1.50 -1.54 11.36
N MET C 218 -0.55 -2.45 11.57
CA MET C 218 -0.79 -3.66 12.34
C MET C 218 0.54 -4.34 12.64
N LYS C 219 0.68 -4.88 13.84
CA LYS C 219 1.93 -5.53 14.21
C LYS C 219 1.73 -7.02 14.47
N ILE C 220 2.59 -7.84 13.87
CA ILE C 220 2.53 -9.28 14.09
C ILE C 220 3.86 -9.81 14.59
N GLU C 221 3.84 -10.53 15.71
CA GLU C 221 5.04 -11.22 16.17
C GLU C 221 4.76 -12.70 16.36
N THR C 222 5.80 -13.51 16.40
CA THR C 222 5.63 -14.94 16.56
C THR C 222 6.52 -15.51 17.65
N GLU C 223 5.93 -16.33 18.51
CA GLU C 223 6.70 -17.08 19.47
C GLU C 223 6.88 -18.50 18.99
N ILE C 224 8.15 -18.85 18.81
CA ILE C 224 8.62 -20.18 18.46
C ILE C 224 9.54 -20.67 19.56
N GLY C 225 9.91 -21.94 19.52
CA GLY C 225 10.88 -22.46 20.47
C GLY C 225 12.23 -21.82 20.24
N GLU C 226 12.90 -21.45 21.32
CA GLU C 226 14.25 -20.87 21.28
C GLU C 226 15.20 -21.83 20.56
N GLN C 227 14.86 -23.12 20.64
CA GLN C 227 15.55 -24.20 19.96
C GLN C 227 15.62 -23.98 18.45
N TYR C 228 14.63 -23.28 17.90
CA TYR C 228 14.50 -23.12 16.46
C TYR C 228 14.91 -21.73 15.99
N GLN C 229 15.36 -20.89 16.92
CA GLN C 229 15.71 -19.50 16.62
C GLN C 229 16.81 -19.38 15.57
N GLY C 230 17.67 -20.39 15.50
CA GLY C 230 18.80 -20.35 14.59
C GLY C 230 18.47 -20.64 13.14
N GLN C 231 17.64 -21.65 12.92
CA GLN C 231 17.37 -22.15 11.58
C GLN C 231 16.61 -21.14 10.70
N GLY C 232 17.12 -20.93 9.49
CA GLY C 232 16.56 -19.97 8.56
C GLY C 232 15.34 -20.48 7.81
N SER C 233 15.27 -21.79 7.61
CA SER C 233 14.10 -22.41 6.98
C SER C 233 12.87 -22.13 7.84
N VAL C 234 13.01 -22.34 9.14
CA VAL C 234 11.96 -22.07 10.10
C VAL C 234 11.56 -20.60 10.06
N LEU C 235 12.55 -19.71 10.14
CA LEU C 235 12.29 -18.27 10.15
C LEU C 235 11.55 -17.82 8.89
N ARG C 236 11.89 -18.42 7.75
CA ARG C 236 11.22 -18.11 6.49
C ARG C 236 9.78 -18.59 6.52
N SER C 237 9.56 -19.81 7.02
CA SER C 237 8.22 -20.35 7.16
C SER C 237 7.37 -19.44 8.06
N VAL C 238 7.98 -18.97 9.14
CA VAL C 238 7.34 -18.05 10.06
C VAL C 238 6.96 -16.75 9.35
N GLY C 239 7.86 -16.26 8.50
CA GLY C 239 7.58 -15.08 7.71
C GLY C 239 6.34 -15.26 6.84
N GLU C 240 6.32 -16.36 6.10
CA GLU C 240 5.17 -16.72 5.27
C GLU C 240 3.89 -16.72 6.10
N LEU C 241 3.94 -17.38 7.24
CA LEU C 241 2.77 -17.50 8.11
C LEU C 241 2.30 -16.14 8.62
N GLU C 242 3.23 -15.28 9.00
CA GLU C 242 2.92 -13.95 9.48
C GLU C 242 2.21 -13.14 8.40
N GLN C 243 2.74 -13.18 7.18
CA GLN C 243 2.11 -12.49 6.07
C GLN C 243 0.69 -13.01 5.82
N PHE C 244 0.57 -14.34 5.77
CA PHE C 244 -0.72 -14.98 5.57
C PHE C 244 -1.74 -14.57 6.61
N LEU C 245 -1.32 -14.54 7.87
CA LEU C 245 -2.22 -14.19 8.97
C LEU C 245 -2.61 -12.72 8.90
N PHE C 246 -1.67 -11.88 8.48
CA PHE C 246 -1.93 -10.46 8.23
C PHE C 246 -3.10 -10.31 7.26
N THR C 247 -2.93 -10.88 6.07
CA THR C 247 -3.96 -10.79 5.04
C THR C 247 -5.29 -11.40 5.50
N ILE C 248 -5.20 -12.51 6.21
CA ILE C 248 -6.40 -13.22 6.70
C ILE C 248 -7.19 -12.35 7.68
N PHE C 249 -6.47 -11.72 8.61
CA PHE C 249 -7.14 -10.89 9.61
C PHE C 249 -7.78 -9.67 8.97
N LYS C 250 -7.03 -8.99 8.09
CA LYS C 250 -7.62 -7.84 7.39
C LYS C 250 -8.85 -8.26 6.59
N ASP C 251 -8.77 -9.44 5.96
CA ASP C 251 -9.87 -10.00 5.20
C ASP C 251 -11.11 -10.20 6.08
N PHE C 252 -10.90 -10.78 7.25
CA PHE C 252 -11.96 -10.96 8.24
C PHE C 252 -12.60 -9.62 8.58
N LEU C 253 -11.76 -8.63 8.85
CA LEU C 253 -12.24 -7.30 9.21
C LEU C 253 -13.08 -6.65 8.12
N ARG C 254 -12.67 -6.78 6.86
CA ARG C 254 -13.45 -6.17 5.79
C ARG C 254 -14.72 -6.95 5.50
N LYS C 255 -14.69 -8.26 5.73
CA LYS C 255 -15.88 -9.08 5.49
C LYS C 255 -16.91 -8.97 6.61
N GLU C 256 -16.49 -8.48 7.78
CA GLU C 256 -17.41 -8.35 8.90
C GLU C 256 -17.81 -6.90 9.23
N LEU C 257 -16.94 -5.96 8.91
CA LEU C 257 -17.11 -4.58 9.39
C LEU C 257 -17.11 -3.50 8.33
N ALA C 258 -16.48 -3.75 7.19
CA ALA C 258 -16.35 -2.71 6.18
C ALA C 258 -17.48 -2.74 5.17
N TRP C 259 -18.06 -1.58 4.91
CA TRP C 259 -19.08 -1.41 3.90
C TRP C 259 -18.62 -2.03 2.59
N PRO C 260 -19.51 -2.76 1.89
CA PRO C 260 -20.95 -2.93 2.15
C PRO C 260 -21.31 -3.96 3.23
N SER C 261 -20.32 -4.53 3.91
CA SER C 261 -20.63 -5.42 5.03
C SER C 261 -20.97 -4.57 6.25
N TRP C 262 -21.64 -5.18 7.23
CA TRP C 262 -21.89 -4.51 8.49
C TRP C 262 -22.17 -5.48 9.62
N ILE C 263 -22.12 -4.97 10.85
CA ILE C 263 -22.51 -5.71 12.03
C ILE C 263 -23.95 -5.38 12.38
N ASN C 264 -24.81 -6.40 12.33
CA ASN C 264 -26.22 -6.26 12.63
C ASN C 264 -26.56 -6.82 14.01
N LEU C 265 -27.14 -5.98 14.85
CA LEU C 265 -27.56 -6.38 16.19
C LEU C 265 -29.08 -6.43 16.31
N ASP C 266 -29.64 -7.60 16.63
CA ASP C 266 -31.10 -7.68 16.74
C ASP C 266 -31.57 -8.08 18.13
N PHE C 267 -32.50 -7.30 18.67
CA PHE C 267 -32.84 -7.31 20.09
C PHE C 267 -34.26 -7.78 20.37
N ASN C 268 -34.68 -8.82 19.68
CA ASN C 268 -35.88 -9.57 20.06
C ASN C 268 -35.54 -11.00 20.42
N GLY D 1 -13.54 0.43 32.47
CA GLY D 1 -13.17 -0.49 31.42
C GLY D 1 -12.39 0.18 30.30
N MET D 2 -13.12 0.61 29.26
CA MET D 2 -12.50 1.20 28.08
C MET D 2 -12.63 2.72 28.05
N SER D 3 -11.58 3.39 27.59
CA SER D 3 -11.56 4.85 27.51
C SER D 3 -11.97 5.35 26.12
N PHE D 4 -12.65 6.50 26.09
CA PHE D 4 -13.02 7.12 24.83
C PHE D 4 -12.71 8.61 24.86
N ASP D 5 -12.59 9.22 23.67
CA ASP D 5 -12.57 10.67 23.55
C ASP D 5 -13.60 11.07 22.52
N ILE D 6 -14.68 11.68 22.99
CA ILE D 6 -15.83 11.98 22.14
C ILE D 6 -15.90 13.46 21.77
N ASN D 7 -16.16 13.74 20.50
CA ASN D 7 -16.18 15.11 20.00
C ASN D 7 -17.49 15.44 19.30
N TRP D 8 -18.24 16.39 19.86
CA TRP D 8 -19.57 16.72 19.38
C TRP D 8 -19.61 18.06 18.64
N SER D 9 -18.48 18.46 18.06
CA SER D 9 -18.23 19.84 17.63
C SER D 9 -19.10 20.41 16.52
N THR D 10 -19.21 19.70 15.40
CA THR D 10 -20.04 20.20 14.31
C THR D 10 -21.51 19.90 14.55
N LEU D 11 -21.74 18.99 15.49
CA LEU D 11 -23.06 18.94 16.08
C LEU D 11 -23.23 20.25 16.81
N GLU D 12 -23.80 21.27 16.16
CA GLU D 12 -24.55 22.32 16.82
C GLU D 12 -23.81 22.89 18.01
N SER D 13 -22.55 23.23 17.78
CA SER D 13 -21.55 23.43 18.81
C SER D 13 -21.55 24.80 19.46
N ASP D 14 -22.56 25.03 20.29
CA ASP D 14 -22.58 26.13 21.22
C ASP D 14 -22.19 25.49 22.54
N ASN D 15 -21.65 24.28 22.48
CA ASN D 15 -21.48 23.54 23.72
C ASN D 15 -22.87 23.55 24.32
N ARG D 16 -23.83 23.12 23.50
CA ARG D 16 -25.23 23.44 23.69
C ARG D 16 -25.70 22.95 25.04
N LEU D 17 -25.27 21.78 25.46
CA LEU D 17 -25.47 21.44 26.87
C LEU D 17 -24.82 22.46 27.84
N ASN D 18 -23.60 22.89 27.52
CA ASN D 18 -22.86 23.91 28.26
C ASN D 18 -23.72 25.13 28.58
N ASP D 19 -24.22 25.79 27.56
CA ASP D 19 -24.91 27.05 27.76
C ASP D 19 -26.38 26.88 28.15
N LEU D 20 -26.98 25.74 27.84
CA LEU D 20 -28.28 25.42 28.43
C LEU D 20 -28.13 25.50 29.95
N ILE D 21 -27.15 24.74 30.45
CA ILE D 21 -26.83 24.76 31.87
C ILE D 21 -26.49 26.17 32.34
N ARG D 22 -25.73 26.91 31.51
CA ARG D 22 -25.31 28.26 31.88
C ARG D 22 -26.49 29.18 32.17
N LYS D 23 -27.44 29.24 31.24
CA LYS D 23 -28.53 30.20 31.41
C LYS D 23 -29.65 29.70 32.33
N HIS D 24 -29.79 28.40 32.52
CA HIS D 24 -30.76 27.99 33.53
C HIS D 24 -30.16 28.19 34.93
N LEU D 25 -28.84 28.03 35.03
CA LEU D 25 -28.13 28.37 36.27
C LEU D 25 -28.26 29.87 36.54
N ASN D 26 -28.14 30.67 35.48
CA ASN D 26 -28.26 32.10 35.60
C ASN D 26 -29.67 32.49 36.04
N SER D 27 -30.68 31.88 35.42
CA SER D 27 -32.07 32.10 35.83
C SER D 27 -32.24 31.80 37.30
N TYR D 28 -31.73 30.64 37.73
CA TYR D 28 -31.77 30.25 39.13
C TYR D 28 -31.18 31.33 40.03
N LEU D 29 -29.99 31.81 39.66
CA LEU D 29 -29.30 32.83 40.45
C LEU D 29 -30.09 34.13 40.53
N GLN D 30 -30.64 34.57 39.41
CA GLN D 30 -31.40 35.82 39.38
C GLN D 30 -32.73 35.68 40.11
N ASN D 31 -33.15 34.44 40.37
CA ASN D 31 -34.38 34.22 41.12
C ASN D 31 -34.16 33.75 42.56
N THR D 32 -32.94 33.83 43.06
CA THR D 32 -32.66 33.34 44.41
C THR D 32 -32.46 34.49 45.40
N GLN D 33 -33.00 34.33 46.60
CA GLN D 33 -32.91 35.36 47.63
C GLN D 33 -31.51 35.43 48.21
N LEU D 34 -30.95 36.62 48.25
CA LEU D 34 -29.56 36.81 48.63
C LEU D 34 -29.42 37.40 50.04
N PRO D 35 -28.32 37.06 50.73
CA PRO D 35 -28.02 37.59 52.07
C PRO D 35 -27.70 39.09 52.06
N SER D 36 -27.30 39.58 53.23
CA SER D 36 -26.97 40.99 53.41
C SER D 36 -25.72 41.38 52.62
N TYR D 37 -24.81 40.43 52.46
CA TYR D 37 -23.47 40.73 51.96
C TYR D 37 -23.28 40.53 50.45
N VAL D 38 -24.36 40.22 49.72
CA VAL D 38 -24.24 40.09 48.27
C VAL D 38 -25.50 40.58 47.56
N SER D 39 -25.30 41.50 46.61
CA SER D 39 -26.40 42.12 45.87
C SER D 39 -26.79 41.31 44.64
N ASN D 40 -25.81 40.70 44.00
CA ASN D 40 -26.04 40.08 42.71
C ASN D 40 -25.18 38.83 42.50
N LEU D 41 -25.81 37.79 41.95
CA LEU D 41 -25.10 36.62 41.49
C LEU D 41 -25.40 36.41 40.02
N ARG D 42 -24.37 36.03 39.26
CA ARG D 42 -24.52 35.85 37.82
C ARG D 42 -23.43 34.92 37.31
N VAL D 43 -23.72 34.20 36.24
CA VAL D 43 -22.73 33.32 35.64
C VAL D 43 -21.90 34.10 34.63
N LEU D 44 -20.61 34.22 34.90
CA LEU D 44 -19.70 34.85 33.94
C LEU D 44 -19.37 33.86 32.83
N ASP D 45 -18.97 32.65 33.22
CA ASP D 45 -18.67 31.64 32.22
C ASP D 45 -18.96 30.23 32.74
N PHE D 46 -19.24 29.31 31.81
CA PHE D 46 -19.45 27.92 32.14
C PHE D 46 -18.63 27.06 31.18
N ASP D 47 -17.98 26.02 31.70
CA ASP D 47 -17.14 25.18 30.85
C ASP D 47 -17.08 23.74 31.32
N LEU D 48 -17.79 22.87 30.60
CA LEU D 48 -17.83 21.43 30.91
C LEU D 48 -16.43 20.81 30.95
N GLY D 49 -15.51 21.36 30.16
CA GLY D 49 -14.13 20.93 30.18
C GLY D 49 -13.83 19.84 29.17
N LYS D 50 -12.68 19.20 29.35
CA LYS D 50 -12.23 18.14 28.44
C LYS D 50 -12.26 16.77 29.11
N VAL D 51 -12.44 16.77 30.43
CA VAL D 51 -12.48 15.53 31.19
C VAL D 51 -13.90 15.22 31.65
N GLY D 52 -14.39 14.04 31.27
CA GLY D 52 -15.73 13.63 31.62
C GLY D 52 -15.77 12.63 32.75
N PRO D 53 -16.95 12.05 33.01
CA PRO D 53 -17.14 11.08 34.07
C PRO D 53 -16.73 9.66 33.68
N ALA D 54 -16.49 8.83 34.69
CA ALA D 54 -16.39 7.39 34.49
C ALA D 54 -17.80 6.83 34.54
N ILE D 55 -18.22 6.19 33.47
CA ILE D 55 -19.59 5.72 33.35
C ILE D 55 -19.70 4.20 33.37
N THR D 56 -20.46 3.69 34.33
CA THR D 56 -20.78 2.27 34.40
C THR D 56 -22.25 2.06 34.09
N LEU D 57 -22.54 1.31 33.03
CA LEU D 57 -23.93 0.97 32.74
C LEU D 57 -24.39 -0.11 33.73
N LYS D 58 -25.44 0.19 34.49
CA LYS D 58 -25.90 -0.80 35.48
C LYS D 58 -27.20 -1.48 35.05
N GLU D 59 -28.07 -0.75 34.35
CA GLU D 59 -29.29 -1.36 33.84
C GLU D 59 -29.85 -0.60 32.65
N ILE D 60 -30.56 -1.32 31.79
CA ILE D 60 -31.17 -0.73 30.59
C ILE D 60 -32.63 -1.13 30.50
N THR D 61 -33.51 -0.15 30.39
CA THR D 61 -34.95 -0.38 30.52
C THR D 61 -35.78 0.49 29.59
N ASP D 62 -37.10 0.30 29.67
CA ASP D 62 -38.04 1.25 29.09
C ASP D 62 -37.91 2.54 29.87
N PRO D 63 -38.17 3.68 29.21
CA PRO D 63 -38.17 4.95 29.95
C PRO D 63 -39.26 4.96 31.03
N LEU D 64 -39.05 5.74 32.08
CA LEU D 64 -40.06 5.91 33.10
C LEU D 64 -41.29 6.55 32.47
N ASP D 65 -42.47 6.22 33.00
CA ASP D 65 -43.72 6.73 32.45
C ASP D 65 -43.91 8.22 32.72
N GLU D 66 -43.21 8.74 33.72
CA GLU D 66 -43.25 10.17 34.01
C GLU D 66 -42.83 11.02 32.80
N PHE D 67 -41.89 10.49 32.03
CA PHE D 67 -41.41 11.18 30.82
C PHE D 67 -42.52 11.26 29.78
N TYR D 68 -43.13 10.10 29.49
CA TYR D 68 -44.26 10.04 28.57
C TYR D 68 -45.39 10.98 29.02
N ASP D 69 -45.62 10.99 30.33
CA ASP D 69 -46.62 11.87 30.93
C ASP D 69 -46.24 13.33 30.72
N SER D 70 -44.94 13.60 30.64
CA SER D 70 -44.45 14.94 30.41
C SER D 70 -44.67 15.37 28.96
N ILE D 71 -44.39 14.49 28.02
CA ILE D 71 -44.60 14.80 26.61
C ILE D 71 -46.11 14.87 26.30
N ARG D 72 -46.94 14.15 27.06
CA ARG D 72 -48.40 14.27 26.99
C ARG D 72 -48.79 15.76 26.98
N GLU D 73 -48.50 16.47 28.07
CA GLU D 73 -48.94 17.84 28.25
C GLU D 73 -48.45 18.75 27.14
N GLU D 74 -47.14 18.73 26.87
CA GLU D 74 -46.50 19.09 25.59
C GLU D 74 -44.99 18.94 25.73
N ASP D 119 -38.09 3.37 22.19
CA ASP D 119 -37.35 4.35 22.97
C ASP D 119 -36.46 3.60 23.94
N ILE D 120 -35.67 4.32 24.71
CA ILE D 120 -34.68 3.62 25.54
C ILE D 120 -34.25 4.44 26.75
N GLN D 121 -33.85 3.77 27.82
CA GLN D 121 -33.36 4.47 29.00
C GLN D 121 -32.22 3.72 29.65
N PHE D 122 -31.13 4.42 29.91
CA PHE D 122 -29.97 3.83 30.56
C PHE D 122 -29.90 4.26 32.03
N LEU D 123 -29.78 3.28 32.92
CA LEU D 123 -29.47 3.55 34.31
C LEU D 123 -27.96 3.50 34.50
N LEU D 124 -27.38 4.65 34.85
CA LEU D 124 -25.93 4.78 34.89
C LEU D 124 -25.38 5.10 36.27
N GLU D 125 -24.27 4.44 36.61
CA GLU D 125 -23.44 4.88 37.72
C GLU D 125 -22.42 5.85 37.15
N VAL D 126 -22.42 7.07 37.67
CA VAL D 126 -21.57 8.13 37.14
C VAL D 126 -20.60 8.65 38.19
N GLU D 127 -19.31 8.51 37.91
CA GLU D 127 -18.27 8.98 38.84
C GLU D 127 -17.47 10.12 38.22
N TYR D 128 -17.72 11.34 38.68
CA TYR D 128 -17.09 12.52 38.13
C TYR D 128 -16.02 13.12 39.05
N LYS D 129 -14.83 13.25 38.49
CA LYS D 129 -13.75 14.02 39.08
C LYS D 129 -13.10 14.85 37.97
N GLY D 130 -13.95 15.43 37.11
CA GLY D 130 -13.49 16.08 35.91
C GLY D 130 -13.17 17.56 36.05
N ASP D 131 -12.92 18.22 34.92
CA ASP D 131 -12.42 19.59 34.91
C ASP D 131 -13.50 20.62 34.59
N LEU D 132 -14.70 20.41 35.10
CA LEU D 132 -15.77 21.41 34.98
C LEU D 132 -15.32 22.69 35.68
N LEU D 133 -15.60 23.83 35.05
CA LEU D 133 -15.25 25.12 35.62
C LEU D 133 -16.37 26.13 35.46
N VAL D 134 -16.84 26.66 36.59
CA VAL D 134 -17.86 27.70 36.60
C VAL D 134 -17.29 28.99 37.14
N THR D 135 -17.42 30.07 36.37
CA THR D 135 -16.99 31.39 36.82
C THR D 135 -18.20 32.26 37.11
N ILE D 136 -18.36 32.60 38.39
CA ILE D 136 -19.51 33.34 38.91
C ILE D 136 -19.15 34.77 39.24
N GLY D 137 -20.01 35.72 38.87
CA GLY D 137 -19.83 37.10 39.26
C GLY D 137 -20.68 37.44 40.47
N ALA D 138 -20.10 38.09 41.46
CA ALA D 138 -20.83 38.47 42.66
C ALA D 138 -20.55 39.90 43.08
N ASP D 139 -21.60 40.60 43.52
CA ASP D 139 -21.44 41.95 44.03
C ASP D 139 -21.43 41.94 45.55
N LEU D 140 -20.23 41.94 46.13
CA LEU D 140 -20.06 41.86 47.58
C LEU D 140 -20.45 43.17 48.25
N VAL D 141 -21.25 43.09 49.31
CA VAL D 141 -21.66 44.30 50.01
C VAL D 141 -20.97 44.46 51.35
N LEU D 142 -20.20 45.54 51.47
CA LEU D 142 -19.55 45.92 52.70
C LEU D 142 -20.44 46.85 53.51
N ASN D 143 -20.71 46.43 54.74
CA ASN D 143 -21.50 47.19 55.71
C ASN D 143 -20.65 47.69 56.88
N TYR D 144 -19.39 47.98 56.65
CA TYR D 144 -18.60 48.65 57.65
C TYR D 144 -19.32 49.98 57.86
N PRO D 145 -19.40 50.44 59.12
CA PRO D 145 -20.27 51.59 59.38
C PRO D 145 -21.70 51.44 58.84
N VAL D 146 -22.15 52.42 58.07
CA VAL D 146 -23.50 52.38 57.51
C VAL D 146 -23.66 51.20 56.56
N GLU D 147 -24.86 50.63 56.54
CA GLU D 147 -25.13 49.45 55.74
C GLU D 147 -24.97 49.73 54.25
N LYS D 148 -24.46 48.74 53.53
CA LYS D 148 -24.18 48.90 52.10
C LYS D 148 -23.14 49.98 51.85
N PHE D 149 -22.21 50.13 52.79
CA PHE D 149 -21.11 51.08 52.63
C PHE D 149 -20.62 51.04 51.20
N MET D 150 -20.27 49.84 50.74
CA MET D 150 -19.62 49.74 49.44
C MET D 150 -19.99 48.44 48.73
N THR D 151 -19.99 48.45 47.40
CA THR D 151 -20.17 47.20 46.67
C THR D 151 -18.94 46.90 45.83
N LEU D 152 -18.32 45.77 46.10
CA LEU D 152 -17.14 45.33 45.36
C LEU D 152 -17.52 44.22 44.39
N PRO D 153 -17.39 44.50 43.08
CA PRO D 153 -17.47 43.41 42.10
C PRO D 153 -16.36 42.40 42.36
N VAL D 154 -16.72 41.12 42.32
CA VAL D 154 -15.83 40.06 42.76
C VAL D 154 -16.08 38.84 41.89
N LYS D 155 -15.06 38.04 41.59
CA LYS D 155 -15.38 36.86 40.77
C LYS D 155 -14.89 35.56 41.40
N LEU D 156 -15.80 34.60 41.50
CA LEU D 156 -15.51 33.31 42.12
C LEU D 156 -15.36 32.21 41.08
N SER D 157 -14.49 31.26 41.38
CA SER D 157 -14.26 30.12 40.51
C SER D 157 -14.59 28.81 41.22
N ILE D 158 -15.65 28.17 40.75
CA ILE D 158 -16.06 26.84 41.18
C ILE D 158 -15.41 25.79 40.29
N SER D 159 -14.67 24.87 40.90
CA SER D 159 -13.93 23.86 40.16
C SER D 159 -13.77 22.58 40.97
N ASP D 160 -13.07 21.61 40.39
CA ASP D 160 -12.76 20.36 41.07
C ASP D 160 -13.96 19.72 41.74
N ILE D 161 -15.06 19.61 40.98
CA ILE D 161 -16.30 19.07 41.52
C ILE D 161 -16.23 17.55 41.63
N GLY D 162 -16.41 17.04 42.84
CA GLY D 162 -16.45 15.61 43.08
C GLY D 162 -17.88 15.12 43.07
N LEU D 163 -18.14 13.99 42.42
CA LEU D 163 -19.49 13.51 42.25
C LEU D 163 -19.47 11.99 42.03
N HIS D 164 -20.44 11.29 42.60
CA HIS D 164 -20.52 9.84 42.42
C HIS D 164 -21.94 9.39 42.65
N SER D 165 -22.72 9.33 41.57
CA SER D 165 -24.17 9.17 41.71
C SER D 165 -24.81 8.38 40.59
N LEU D 166 -25.97 7.79 40.91
CA LEU D 166 -26.82 7.11 39.96
C LEU D 166 -27.72 8.09 39.23
N CYS D 167 -27.58 8.08 37.90
CA CYS D 167 -28.34 8.89 36.96
C CYS D 167 -29.18 8.00 36.06
N ILE D 168 -30.07 8.63 35.30
CA ILE D 168 -30.76 7.95 34.19
C ILE D 168 -30.74 8.85 32.96
N VAL D 169 -30.53 8.26 31.79
CA VAL D 169 -30.56 8.99 30.53
C VAL D 169 -31.58 8.35 29.60
N ALA D 170 -32.62 9.09 29.27
CA ALA D 170 -33.70 8.53 28.47
C ALA D 170 -33.87 9.20 27.11
N CYS D 171 -33.80 8.39 26.06
CA CYS D 171 -34.13 8.82 24.72
C CYS D 171 -35.57 8.44 24.37
N LEU D 172 -36.40 9.46 24.23
CA LEU D 172 -37.66 9.34 23.52
C LEU D 172 -37.54 10.32 22.36
N SER D 173 -37.73 9.83 21.14
CA SER D 173 -37.54 10.67 19.97
C SER D 173 -38.56 11.80 19.94
N LYS D 174 -38.11 13.01 19.62
CA LYS D 174 -36.69 13.31 19.45
C LYS D 174 -36.00 13.71 20.76
N GLN D 175 -36.76 13.68 21.85
CA GLN D 175 -36.37 14.37 23.07
C GLN D 175 -35.49 13.52 23.98
N LEU D 176 -34.55 14.18 24.65
CA LEU D 176 -33.57 13.52 25.51
C LEU D 176 -33.76 13.96 26.96
N PHE D 177 -33.73 13.01 27.89
CA PHE D 177 -33.94 13.33 29.30
C PHE D 177 -32.77 12.89 30.18
N LEU D 178 -32.26 13.82 31.00
CA LEU D 178 -31.17 13.51 31.91
C LEU D 178 -31.58 13.80 33.36
N SER D 179 -31.29 12.89 34.28
CA SER D 179 -31.65 13.13 35.68
C SER D 179 -30.80 12.35 36.68
N PHE D 180 -30.23 13.07 37.63
CA PHE D 180 -29.55 12.45 38.76
C PHE D 180 -30.57 11.85 39.71
N LEU D 181 -30.55 10.53 39.87
CA LEU D 181 -31.42 9.89 40.83
C LEU D 181 -30.91 10.15 42.24
N CYS D 182 -29.71 9.65 42.55
CA CYS D 182 -29.22 9.80 43.92
C CYS D 182 -27.73 9.52 44.05
N ASP D 183 -27.14 9.87 45.19
CA ASP D 183 -25.73 9.55 45.41
C ASP D 183 -25.57 8.06 45.66
N VAL D 184 -24.42 7.51 45.27
CA VAL D 184 -24.14 6.09 45.37
C VAL D 184 -24.28 5.58 46.81
N SER D 185 -23.92 6.41 47.78
CA SER D 185 -23.95 6.00 49.17
C SER D 185 -25.16 6.56 49.94
N ASP D 186 -26.26 6.77 49.23
CA ASP D 186 -27.48 7.24 49.87
C ASP D 186 -28.07 6.13 50.74
N PRO D 187 -28.50 6.49 51.96
CA PRO D 187 -29.06 5.55 52.95
C PRO D 187 -30.24 4.74 52.44
N ALA D 188 -30.93 5.22 51.41
CA ALA D 188 -32.07 4.50 50.86
C ALA D 188 -31.62 3.33 49.96
N LEU D 189 -30.32 3.06 49.94
CA LEU D 189 -29.78 2.00 49.08
C LEU D 189 -29.04 0.92 49.86
N ASP D 190 -29.04 0.98 51.18
CA ASP D 190 -28.35 -0.01 52.00
C ASP D 190 -29.02 -1.38 51.84
N ASP D 191 -30.29 -1.31 51.46
CA ASP D 191 -31.15 -2.46 51.19
C ASP D 191 -30.64 -3.49 50.19
N ASN D 192 -29.84 -3.04 49.23
CA ASN D 192 -29.64 -3.75 47.98
C ASN D 192 -31.01 -3.92 47.32
N GLN D 193 -31.62 -2.79 46.98
CA GLN D 193 -32.86 -2.80 46.22
C GLN D 193 -32.69 -1.89 45.01
N THR D 194 -33.12 -2.35 43.85
CA THR D 194 -33.07 -1.58 42.61
C THR D 194 -33.60 -0.16 42.82
N VAL D 195 -33.10 0.80 42.06
CA VAL D 195 -33.56 2.18 42.23
C VAL D 195 -34.79 2.45 41.36
N LEU D 196 -34.93 1.70 40.26
CA LEU D 196 -35.94 1.92 39.22
C LEU D 196 -37.39 1.54 39.54
N ASP D 197 -37.51 0.83 40.66
CA ASP D 197 -38.75 0.49 41.28
C ASP D 197 -39.39 1.83 41.77
N PRO D 198 -40.66 2.00 41.41
CA PRO D 198 -41.44 3.19 41.76
C PRO D 198 -41.62 3.30 43.26
N LYS D 199 -41.83 2.15 43.90
CA LYS D 199 -42.10 2.10 45.33
C LYS D 199 -40.94 2.67 46.13
N GLY D 200 -39.71 2.38 45.71
CA GLY D 200 -38.56 2.86 46.45
C GLY D 200 -38.60 4.37 46.68
N PRO D 201 -38.05 4.80 47.80
CA PRO D 201 -38.15 6.20 48.22
C PRO D 201 -37.50 7.16 47.22
N ILE D 202 -36.35 6.79 46.68
CA ILE D 202 -35.74 7.64 45.65
C ILE D 202 -36.70 8.07 44.54
N LEU D 203 -37.35 7.11 43.90
CA LEU D 203 -38.21 7.43 42.76
C LEU D 203 -39.53 8.10 43.18
N ALA D 204 -40.07 7.70 44.32
CA ALA D 204 -41.32 8.28 44.81
C ALA D 204 -41.11 9.73 45.26
N ALA D 205 -39.88 10.04 45.67
CA ALA D 205 -39.48 11.39 46.05
C ALA D 205 -40.40 11.96 47.15
N THR D 206 -40.70 11.15 48.15
CA THR D 206 -41.68 11.52 49.18
C THR D 206 -41.12 12.35 50.36
N LYS D 207 -39.83 12.21 50.58
CA LYS D 207 -39.16 12.81 51.72
C LYS D 207 -37.84 13.30 51.12
N PRO D 208 -37.83 14.51 50.49
CA PRO D 208 -36.67 15.01 49.72
C PRO D 208 -35.50 15.46 50.57
N LEU D 209 -35.77 15.74 51.84
CA LEU D 209 -34.77 16.35 52.72
C LEU D 209 -33.67 15.39 53.21
N GLU D 210 -33.92 14.09 53.21
CA GLU D 210 -32.98 13.08 53.66
C GLU D 210 -32.04 12.63 52.59
N ARG D 211 -32.30 13.13 51.40
CA ARG D 211 -31.47 12.71 50.32
C ARG D 211 -30.11 13.30 50.59
N ILE D 212 -29.08 12.46 50.65
CA ILE D 212 -27.74 12.96 50.77
C ILE D 212 -27.42 13.65 49.45
N SER D 213 -26.60 14.69 49.50
CA SER D 213 -26.42 15.56 48.35
C SER D 213 -25.58 14.93 47.23
N ILE D 214 -25.96 15.26 46.00
CA ILE D 214 -25.28 14.76 44.81
C ILE D 214 -23.83 15.23 44.73
N VAL D 215 -23.61 16.51 45.01
CA VAL D 215 -22.26 17.08 45.01
C VAL D 215 -21.51 16.72 46.28
N ARG D 216 -20.48 15.90 46.14
CA ARG D 216 -19.70 15.45 47.29
C ARG D 216 -18.67 16.48 47.74
N SER D 217 -17.94 17.04 46.77
CA SER D 217 -16.93 18.05 47.08
C SER D 217 -16.91 19.13 46.02
N MET D 218 -16.10 20.15 46.27
CA MET D 218 -16.05 21.34 45.43
C MET D 218 -14.90 22.24 45.89
N LYS D 219 -14.26 22.90 44.94
CA LYS D 219 -13.25 23.91 45.26
C LYS D 219 -13.72 25.29 44.80
N ILE D 220 -13.68 26.27 45.71
CA ILE D 220 -14.10 27.62 45.36
C ILE D 220 -13.01 28.63 45.66
N GLU D 221 -12.60 29.38 44.65
CA GLU D 221 -11.64 30.46 44.86
C GLU D 221 -12.29 31.81 44.58
N THR D 222 -11.69 32.89 45.08
CA THR D 222 -12.25 34.20 44.84
C THR D 222 -11.17 35.20 44.44
N GLU D 223 -11.44 35.94 43.37
CA GLU D 223 -10.60 37.04 42.95
C GLU D 223 -11.25 38.36 43.33
N ILE D 224 -10.50 39.10 44.14
CA ILE D 224 -10.81 40.46 44.55
C ILE D 224 -9.70 41.37 44.05
N GLY D 225 -9.92 42.68 44.09
CA GLY D 225 -8.88 43.62 43.71
C GLY D 225 -7.72 43.57 44.68
N GLU D 226 -6.49 43.58 44.16
CA GLU D 226 -5.28 43.60 44.97
C GLU D 226 -5.35 44.73 46.00
N GLN D 227 -6.00 45.80 45.57
CA GLN D 227 -6.34 46.96 46.40
C GLN D 227 -6.98 46.59 47.74
N TYR D 228 -7.72 45.48 47.75
CA TYR D 228 -8.56 45.14 48.90
C TYR D 228 -8.06 43.95 49.71
N GLN D 229 -6.95 43.34 49.29
CA GLN D 229 -6.46 42.13 49.93
C GLN D 229 -6.04 42.34 51.38
N GLY D 230 -5.87 43.59 51.78
CA GLY D 230 -5.46 43.91 53.14
C GLY D 230 -6.61 43.85 54.13
N GLN D 231 -7.76 44.38 53.73
CA GLN D 231 -8.91 44.52 54.64
C GLN D 231 -9.52 43.19 55.04
N GLY D 232 -9.69 42.99 56.34
CA GLY D 232 -10.26 41.76 56.88
C GLY D 232 -11.76 41.68 56.78
N SER D 233 -12.41 42.85 56.75
CA SER D 233 -13.85 42.93 56.53
C SER D 233 -14.22 42.26 55.21
N VAL D 234 -13.50 42.66 54.16
CA VAL D 234 -13.69 42.11 52.83
C VAL D 234 -13.42 40.61 52.82
N LEU D 235 -12.31 40.19 53.40
CA LEU D 235 -11.94 38.78 53.42
C LEU D 235 -13.00 37.92 54.11
N ARG D 236 -13.50 38.40 55.24
CA ARG D 236 -14.58 37.74 55.96
C ARG D 236 -15.82 37.58 55.08
N SER D 237 -16.26 38.71 54.52
CA SER D 237 -17.42 38.72 53.61
C SER D 237 -17.23 37.71 52.48
N VAL D 238 -16.01 37.62 51.97
CA VAL D 238 -15.66 36.68 50.92
C VAL D 238 -15.80 35.24 51.39
N GLY D 239 -15.37 34.96 52.61
CA GLY D 239 -15.51 33.64 53.18
C GLY D 239 -16.96 33.21 53.24
N GLU D 240 -17.79 34.05 53.87
CA GLU D 240 -19.21 33.73 53.95
C GLU D 240 -19.85 33.58 52.57
N LEU D 241 -19.44 34.43 51.63
CA LEU D 241 -19.97 34.35 50.27
C LEU D 241 -19.60 33.03 49.60
N GLU D 242 -18.38 32.56 49.84
CA GLU D 242 -17.93 31.30 49.27
C GLU D 242 -18.77 30.14 49.81
N GLN D 243 -18.97 30.11 51.13
CA GLN D 243 -19.81 29.06 51.72
C GLN D 243 -21.24 29.11 51.16
N PHE D 244 -21.82 30.31 51.14
CA PHE D 244 -23.16 30.51 50.61
C PHE D 244 -23.27 30.02 49.17
N LEU D 245 -22.22 30.27 48.38
CA LEU D 245 -22.21 29.87 46.98
C LEU D 245 -22.14 28.36 46.86
N PHE D 246 -21.42 27.72 47.78
CA PHE D 246 -21.41 26.26 47.85
C PHE D 246 -22.82 25.71 48.04
N THR D 247 -23.49 26.18 49.09
CA THR D 247 -24.86 25.72 49.37
C THR D 247 -25.80 26.03 48.19
N ILE D 248 -25.59 27.18 47.57
CA ILE D 248 -26.44 27.63 46.46
C ILE D 248 -26.28 26.74 45.23
N PHE D 249 -25.04 26.36 44.92
CA PHE D 249 -24.79 25.49 43.79
C PHE D 249 -25.40 24.12 44.04
N LYS D 250 -25.12 23.55 45.21
CA LYS D 250 -25.74 22.28 45.61
C LYS D 250 -27.25 22.35 45.39
N ASP D 251 -27.84 23.43 45.88
CA ASP D 251 -29.28 23.63 45.83
C ASP D 251 -29.79 23.64 44.39
N PHE D 252 -29.13 24.45 43.55
CA PHE D 252 -29.47 24.53 42.14
C PHE D 252 -29.48 23.15 41.51
N LEU D 253 -28.44 22.37 41.79
CA LEU D 253 -28.35 21.02 41.23
C LEU D 253 -29.53 20.17 41.70
N ARG D 254 -29.88 20.27 42.98
CA ARG D 254 -30.96 19.45 43.50
C ARG D 254 -32.31 19.81 42.89
N LYS D 255 -32.60 21.09 42.70
CA LYS D 255 -33.90 21.46 42.15
C LYS D 255 -33.98 21.46 40.62
N GLU D 256 -32.85 21.38 39.93
CA GLU D 256 -32.90 21.40 38.47
C GLU D 256 -32.45 20.08 37.83
N LEU D 257 -31.56 19.35 38.49
CA LEU D 257 -30.97 18.16 37.87
C LEU D 257 -31.29 16.87 38.62
N ALA D 258 -31.67 16.98 39.88
CA ALA D 258 -31.97 15.80 40.69
C ALA D 258 -33.43 15.40 40.55
N TRP D 259 -33.68 14.10 40.46
CA TRP D 259 -35.03 13.55 40.46
C TRP D 259 -35.77 14.05 41.69
N PRO D 260 -37.06 14.43 41.54
CA PRO D 260 -37.94 14.26 40.37
C PRO D 260 -37.79 15.32 39.27
N SER D 261 -36.84 16.24 39.39
CA SER D 261 -36.60 17.20 38.32
C SER D 261 -35.61 16.61 37.31
N TRP D 262 -35.62 17.15 36.09
CA TRP D 262 -34.70 16.67 35.07
C TRP D 262 -34.36 17.73 34.02
N ILE D 263 -33.34 17.42 33.23
CA ILE D 263 -32.95 18.25 32.10
C ILE D 263 -33.56 17.68 30.82
N ASN D 264 -34.30 18.53 30.12
CA ASN D 264 -34.94 18.14 28.86
C ASN D 264 -34.24 18.78 27.67
N LEU D 265 -33.91 17.95 26.69
CA LEU D 265 -33.25 18.42 25.49
C LEU D 265 -34.06 18.15 24.23
N ASP D 266 -34.40 19.23 23.54
CA ASP D 266 -34.69 19.23 22.11
C ASP D 266 -35.32 17.96 21.55
C27 PEE E . 15.90 -15.57 -20.58
C26 PEE E . 16.57 -14.35 -19.96
C25 PEE E . 15.50 -13.31 -19.62
C24 PEE E . 16.15 -12.14 -18.89
C23 PEE E . 15.23 -10.92 -18.98
C22 PEE E . 14.89 -10.42 -17.58
C21 PEE E . 13.37 -10.29 -17.45
C20 PEE E . 12.83 -11.50 -16.69
C19 PEE E . 11.35 -11.69 -17.03
C18 PEE E . 10.92 -13.12 -16.69
C17 PEE E . 9.79 -13.55 -17.61
C16 PEE E . 10.29 -14.63 -18.57
C15 PEE E . 9.83 -15.99 -18.07
C14 PEE E . 10.29 -17.07 -19.06
C13 PEE E . 10.45 -18.40 -18.33
C12 PEE E . 9.81 -19.51 -19.15
C11 PEE E . 9.18 -20.55 -18.22
C10 PEE E . 8.97 -21.86 -18.98
O4 PEE E . 9.85 -22.39 -19.56
O2 PEE E . 7.70 -22.29 -18.91
C2 PEE E . 7.19 -22.42 -17.55
C1 PEE E . 8.02 -23.44 -16.79
O3P PEE E . 8.01 -23.14 -15.42
P PEE E . 8.88 -24.08 -14.39
O2P PEE E . 8.17 -25.41 -14.21
O1P PEE E . 10.25 -24.32 -14.97
O4P PEE E . 9.00 -23.34 -12.93
C4 PEE E . 7.97 -23.49 -12.00
C5 PEE E . 7.92 -22.28 -11.08
N PEE E . 9.19 -22.12 -10.41
C3 PEE E . 7.27 -21.07 -16.85
O3 PEE E . 5.99 -20.40 -16.94
C30 PEE E . 5.72 -19.60 -15.91
O5 PEE E . 5.84 -19.95 -14.78
C31 PEE E . 5.25 -18.20 -16.28
C32 PEE E . 5.29 -17.30 -15.05
C33 PEE E . 5.95 -15.98 -15.41
C34 PEE E . 5.19 -15.32 -16.55
C35 PEE E . 5.07 -13.82 -16.30
C36 PEE E . 6.36 -13.12 -16.73
C37 PEE E . 6.12 -11.62 -16.84
C38 PEE E . 6.01 -11.03 -15.44
C39 PEE E . 6.13 -9.51 -15.52
C40 PEE E . 6.60 -9.11 -16.92
C41 PEE E . 8.12 -8.98 -16.92
C42 PEE E . 8.58 -8.57 -18.32
C43 PEE E . 9.50 -9.65 -18.90
C44 PEE E . 9.00 -10.05 -20.28
C45 PEE E . 10.19 -10.46 -21.14
C46 PEE E . 10.85 -11.71 -20.56
C47 PEE E . 11.58 -12.46 -21.66
C27 PEE F . 27.42 -8.78 -26.34
C26 PEE F . 26.09 -8.84 -27.07
C25 PEE F . 26.25 -8.27 -28.48
C24 PEE F . 25.02 -8.61 -29.32
C23 PEE F . 25.45 -9.09 -30.70
C22 PEE F . 24.78 -8.23 -31.77
C21 PEE F . 25.79 -7.22 -32.31
C20 PEE F . 27.10 -7.34 -31.54
C19 PEE F . 27.57 -5.95 -31.12
C18 PEE F . 28.87 -5.62 -31.84
C17 PEE F . 30.00 -5.48 -30.82
C16 PEE F . 30.40 -4.00 -30.70
C15 PEE F . 30.80 -3.70 -29.27
C14 PEE F . 32.15 -4.35 -28.96
C13 PEE F . 32.71 -3.78 -27.67
C12 PEE F . 34.20 -4.11 -27.57
C11 PEE F . 34.94 -2.93 -26.94
C10 PEE F . 36.45 -3.12 -27.11
O4 PEE F . 37.04 -3.94 -26.50
O2 PEE F . 36.98 -2.29 -28.01
C2 PEE F . 37.87 -2.94 -28.98
C1 PEE F . 38.70 -4.00 -28.25
O3P PEE F . 39.35 -3.42 -27.16
P PEE F . 40.29 -4.38 -26.21
O2P PEE F . 41.74 -4.21 -26.59
O1P PEE F . 40.10 -4.00 -24.76
O4P PEE F . 39.85 -5.96 -26.42
C4 PEE F . 40.68 -6.78 -27.20
C5 PEE F . 40.84 -6.16 -28.59
N PEE F . 40.77 -7.20 -29.60
C3 PEE F . 37.04 -3.60 -30.07
O3 PEE F . 36.09 -2.64 -30.60
C30 PEE F . 35.77 -2.85 -31.87
O5 PEE F . 36.36 -3.60 -32.57
C31 PEE F . 34.57 -2.04 -32.37
C32 PEE F . 34.25 -2.44 -33.81
C33 PEE F . 33.08 -1.60 -34.31
C34 PEE F . 31.81 -1.98 -33.55
C35 PEE F . 30.60 -1.71 -34.44
C36 PEE F . 29.95 -3.04 -34.83
C37 PEE F . 29.59 -3.01 -36.32
C38 PEE F . 28.24 -2.34 -36.51
C39 PEE F . 27.49 -2.31 -35.17
C40 PEE F . 26.19 -3.09 -35.31
C41 PEE F . 25.88 -3.81 -34.00
C42 PEE F . 25.77 -2.79 -32.87
C43 PEE F . 26.11 -3.45 -31.55
C44 PEE F . 25.62 -2.57 -30.40
C45 PEE F . 25.50 -3.42 -29.13
C46 PEE F . 26.82 -4.13 -28.86
C47 PEE F . 27.21 -3.94 -27.40
C27 PEE G . -22.10 -0.04 19.79
C26 PEE G . -21.93 1.29 19.10
C25 PEE G . -20.73 2.03 19.69
C24 PEE G . -19.99 2.79 18.58
C23 PEE G . -18.52 2.37 18.58
C22 PEE G . -17.77 3.15 17.50
C21 PEE G . -16.66 2.29 16.92
C20 PEE G . -17.27 1.07 16.22
C19 PEE G . -16.44 -0.17 16.54
C18 PEE G . -17.36 -1.39 16.59
C17 PEE G . -16.56 -2.62 17.03
C16 PEE G . -17.48 -3.83 17.10
C15 PEE G . -17.57 -4.31 18.55
C14 PEE G . -18.99 -4.79 18.83
C13 PEE G . -19.21 -6.14 18.18
C12 PEE G . -20.43 -6.82 18.80
C11 PEE G . -20.64 -8.19 18.15
C10 PEE G . -21.95 -8.79 18.64
O4 PEE G . -22.44 -8.47 19.67
O2 PEE G . -22.47 -9.69 17.80
C2 PEE G . -21.63 -10.87 17.59
C1 PEE G . -22.22 -12.05 18.35
O3P PEE G . -22.04 -13.22 17.61
P PEE G . -23.37 -14.06 17.09
O2P PEE G . -22.93 -15.34 16.43
O1P PEE G . -24.24 -14.37 18.29
O4P PEE G . -24.22 -13.13 16.03
C4 PEE G . -23.90 -13.23 14.66
C5 PEE G . -23.66 -11.84 14.09
N PEE G . -23.24 -11.94 12.70
C3 PEE G . -21.56 -11.20 16.11
O3 PEE G . -20.16 -11.35 15.72
C30 PEE G . -19.40 -10.30 16.02
O5 PEE G . -19.37 -9.82 17.11
C31 PEE G . -18.55 -9.78 14.87
C32 PEE G . -17.08 -9.74 15.29
C33 PEE G . -16.47 -8.41 14.83
C34 PEE G . -15.46 -7.94 15.88
C35 PEE G . -14.51 -6.93 15.25
C36 PEE G . -13.97 -5.99 16.33
C37 PEE G . -12.76 -5.23 15.78
C38 PEE G . -13.02 -3.74 15.89
C39 PEE G . -11.96 -2.98 15.09
C40 PEE G . -11.13 -2.11 16.03
C41 PEE G . -11.67 -0.68 16.02
C42 PEE G . -11.79 -0.17 17.45
C43 PEE G . -13.25 0.09 17.78
C44 PEE G . -13.53 -0.33 19.22
C45 PEE G . -14.93 0.12 19.62
C46 PEE G . -15.38 -0.65 20.86
C47 PEE G . -16.90 -0.51 21.04
C27 PEE H . -26.81 14.47 33.75
C26 PEE H . -25.86 13.29 33.94
C25 PEE H . -24.73 13.36 32.90
C24 PEE H . -23.93 12.07 32.93
C23 PEE H . -24.40 11.17 31.78
C22 PEE H . -23.64 11.53 30.50
C21 PEE H . -24.56 11.33 29.29
C20 PEE H . -24.51 12.58 28.42
C19 PEE H . -25.44 12.42 27.22
C18 PEE H . -25.87 13.81 26.75
C17 PEE H . -25.32 14.07 25.35
C16 PEE H . -25.80 15.43 24.86
C15 PEE H . -24.63 16.17 24.22
C14 PEE H . -25.13 17.37 23.43
C13 PEE H . -24.00 18.39 23.32
C12 PEE H . -24.13 19.16 22.01
C27 PEE I . -22.82 18.80 36.78
C26 PEE I . -21.76 17.71 36.62
C25 PEE I . -21.99 16.99 35.28
C24 PEE I . -20.81 16.05 35.01
C23 PEE I . -21.13 15.17 33.81
C22 PEE I . -20.80 15.91 32.52
C21 PEE I . -21.44 15.21 31.34
C20 PEE I . -20.76 15.65 30.04
C19 PEE I . -21.71 15.43 28.87
C18 PEE I . -21.06 15.92 27.58
C17 PEE I . -21.78 15.34 26.38
C16 PEE I . -20.82 14.44 25.59
C15 PEE I . -21.59 13.25 25.02
C14 PEE I . -21.79 13.46 23.51
C13 PEE I . -22.59 12.28 22.94
C12 PEE I . -23.28 12.72 21.66
#